data_7H96
#
_entry.id   7H96
#
_cell.length_a   87.266
_cell.length_b   87.266
_cell.length_c   85.738
_cell.angle_alpha   90.00
_cell.angle_beta   90.00
_cell.angle_gamma   120.00
#
_symmetry.space_group_name_H-M   'P 31'
#
loop_
_entity.id
_entity.type
_entity.pdbx_description
1 polymer 'Non-structural protein 3'
2 non-polymer 'DIMETHYL SULFOXIDE'
3 non-polymer 2-AMINO-2-HYDROXYMETHYL-PROPANE-1,3-DIOL
4 non-polymer 'CHLORIDE ION'
5 non-polymer 2,3-dihydro-1,4-benzodioxin-5-ylmethanol
6 water water
#
_entity_poly.entity_id   1
_entity_poly.type   'polypeptide(L)'
_entity_poly.pdbx_seq_one_letter_code
;GAMAPSYRVKRMDIAKNDEECVVNAANPRGLPGDGVCKAVYKKWPESFKNSATPVGTAKTVMCGTYPVIHAVGPNFSNYT
ESEGDRELAAAYREVAKEVTRLGVNSVAIPLLSTGVYSGGKDRLTQSLNHLFTAMDSTDADVVIYCRDKEWEKKISEAIQ
MRT
;
_entity_poly.pdbx_strand_id   A,B,C,D
#
loop_
_chem_comp.id
_chem_comp.type
_chem_comp.name
_chem_comp.formula
CL non-polymer 'CHLORIDE ION' 'Cl -1'
DBJ non-polymer 2,3-dihydro-1,4-benzodioxin-5-ylmethanol 'C9 H10 O3'
DMS non-polymer 'DIMETHYL SULFOXIDE' 'C2 H6 O S'
TRS non-polymer 2-AMINO-2-HYDROXYMETHYL-PROPANE-1,3-DIOL 'C4 H12 N O3 1'
#
# COMPACT_ATOMS: atom_id res chain seq x y z
N GLY A 1 -3.53 13.96 -19.60
CA GLY A 1 -3.98 13.00 -20.68
C GLY A 1 -2.84 12.16 -21.19
N ALA A 2 -3.14 11.07 -21.91
CA ALA A 2 -2.12 10.22 -22.54
C ALA A 2 -1.54 10.93 -23.75
N MET A 3 -0.29 10.68 -24.13
CA MET A 3 0.36 11.36 -25.28
C MET A 3 -0.36 11.03 -26.60
N ALA A 4 -0.81 9.78 -26.77
CA ALA A 4 -1.56 9.33 -27.96
C ALA A 4 -2.67 8.40 -27.49
N PRO A 5 -3.77 8.95 -26.95
CA PRO A 5 -4.81 8.12 -26.35
C PRO A 5 -5.19 6.90 -27.20
N SER A 6 -5.25 5.70 -26.57
CA SER A 6 -5.43 4.42 -27.26
C SER A 6 -6.51 3.59 -26.57
N TYR A 7 -7.01 2.58 -27.26
CA TYR A 7 -7.74 1.43 -26.68
C TYR A 7 -6.90 0.18 -26.82
N ARG A 8 -6.87 -0.64 -25.77
CA ARG A 8 -6.23 -1.95 -25.77
C ARG A 8 -7.16 -2.92 -25.06
N VAL A 9 -6.93 -4.21 -25.27
CA VAL A 9 -7.70 -5.26 -24.56
C VAL A 9 -6.70 -6.27 -24.00
N LYS A 10 -6.92 -6.69 -22.77
CA LYS A 10 -6.13 -7.77 -22.17
C LYS A 10 -7.06 -8.82 -21.59
N ARG A 11 -6.65 -10.08 -21.68
CA ARG A 11 -7.38 -11.23 -21.10
C ARG A 11 -6.66 -11.59 -19.82
N MET A 12 -7.13 -11.02 -18.70
CA MET A 12 -6.54 -11.25 -17.37
C MET A 12 -7.45 -10.60 -16.32
N ASP A 13 -7.18 -10.94 -15.08
CA ASP A 13 -7.88 -10.40 -13.89
C ASP A 13 -7.68 -8.87 -13.81
N ILE A 14 -8.78 -8.12 -13.86
CA ILE A 14 -8.75 -6.61 -13.78
C ILE A 14 -8.15 -6.17 -12.43
N ALA A 15 -8.19 -7.00 -11.37
CA ALA A 15 -7.53 -6.72 -10.08
C ALA A 15 -6.00 -6.63 -10.17
N LYS A 16 -5.42 -7.07 -11.29
CA LYS A 16 -3.95 -7.04 -11.56
C LYS A 16 -3.66 -6.04 -12.69
N ASN A 17 -4.52 -5.02 -12.86
CA ASN A 17 -4.34 -4.01 -13.93
C ASN A 17 -3.09 -3.15 -13.68
N ASP A 18 -2.59 -2.56 -14.77
CA ASP A 18 -1.41 -1.66 -14.81
C ASP A 18 -1.87 -0.24 -15.15
N GLU A 19 -3.08 0.15 -14.73
CA GLU A 19 -3.60 1.49 -15.04
C GLU A 19 -3.71 2.34 -13.77
N GLU A 20 -4.02 3.63 -13.94
CA GLU A 20 -4.03 4.61 -12.81
C GLU A 20 -5.35 4.57 -12.02
N CYS A 21 -6.35 3.85 -12.51
CA CYS A 21 -7.64 3.64 -11.82
C CYS A 21 -8.37 2.47 -12.45
N VAL A 22 -9.36 1.94 -11.74
CA VAL A 22 -10.13 0.77 -12.15
C VAL A 22 -11.61 1.10 -12.14
N VAL A 23 -12.36 0.54 -13.08
CA VAL A 23 -13.85 0.55 -13.03
C VAL A 23 -14.31 -0.80 -12.52
N ASN A 24 -15.11 -0.79 -11.47
CA ASN A 24 -15.76 -1.99 -10.90
C ASN A 24 -17.10 -2.17 -11.62
N ALA A 25 -17.39 -3.40 -12.05
CA ALA A 25 -18.75 -3.79 -12.48
C ALA A 25 -19.58 -4.06 -11.22
N ALA A 26 -20.03 -2.99 -10.57
CA ALA A 26 -20.60 -3.01 -9.20
C ALA A 26 -22.08 -3.43 -9.22
N ASN A 27 -22.57 -3.81 -8.05
CA ASN A 27 -24.03 -3.92 -7.79
C ASN A 27 -24.48 -2.63 -7.15
N PRO A 28 -25.79 -2.32 -7.17
CA PRO A 28 -26.27 -1.03 -6.64
C PRO A 28 -26.07 -0.84 -5.14
N ARG A 29 -25.86 -1.92 -4.40
CA ARG A 29 -25.83 -1.90 -2.92
C ARG A 29 -24.44 -1.86 -2.35
N GLY A 30 -23.40 -1.80 -3.17
CA GLY A 30 -22.03 -1.79 -2.61
C GLY A 30 -21.68 -3.08 -1.91
N LEU A 31 -22.23 -4.22 -2.35
CA LEU A 31 -21.96 -5.53 -1.71
C LEU A 31 -20.79 -6.18 -2.43
N PRO A 32 -20.05 -7.11 -1.78
CA PRO A 32 -18.92 -7.79 -2.43
C PRO A 32 -19.27 -8.48 -3.75
N GLY A 33 -20.46 -9.05 -3.88
CA GLY A 33 -20.91 -9.61 -5.18
C GLY A 33 -20.11 -10.82 -5.65
N ASP A 34 -20.09 -11.05 -6.97
CA ASP A 34 -19.29 -12.13 -7.61
C ASP A 34 -18.58 -11.62 -8.86
N GLY A 35 -17.76 -12.47 -9.47
CA GLY A 35 -17.08 -12.14 -10.73
C GLY A 35 -16.14 -10.96 -10.54
N VAL A 36 -16.12 -9.99 -11.47
CA VAL A 36 -15.26 -8.77 -11.38
C VAL A 36 -15.44 -8.13 -10.00
N CYS A 37 -16.69 -7.95 -9.54
CA CYS A 37 -16.97 -7.21 -8.29
C CYS A 37 -16.27 -7.89 -7.10
N LYS A 38 -16.25 -9.22 -7.03
CA LYS A 38 -15.60 -9.94 -5.90
C LYS A 38 -14.08 -9.77 -5.97
N ALA A 39 -13.49 -9.82 -7.17
CA ALA A 39 -12.03 -9.64 -7.36
C ALA A 39 -11.67 -8.23 -6.88
N VAL A 40 -12.51 -7.27 -7.21
CA VAL A 40 -12.29 -5.84 -6.84
C VAL A 40 -12.43 -5.71 -5.32
N TYR A 41 -13.39 -6.40 -4.70
CA TYR A 41 -13.58 -6.36 -3.23
C TYR A 41 -12.36 -6.94 -2.49
N LYS A 42 -11.81 -8.03 -3.01
CA LYS A 42 -10.61 -8.70 -2.44
C LYS A 42 -9.40 -7.75 -2.51
N LYS A 43 -9.26 -7.05 -3.63
CA LYS A 43 -8.06 -6.20 -3.91
C LYS A 43 -8.16 -4.84 -3.22
N TRP A 44 -9.33 -4.20 -3.24
CA TRP A 44 -9.56 -2.82 -2.77
C TRP A 44 -10.76 -2.76 -1.82
N PRO A 45 -10.83 -3.54 -0.70
CA PRO A 45 -12.03 -3.59 0.12
C PRO A 45 -12.40 -2.24 0.74
N GLU A 46 -11.40 -1.38 0.97
CA GLU A 46 -11.62 -0.03 1.54
C GLU A 46 -12.48 0.83 0.61
N SER A 47 -12.49 0.52 -0.69
CA SER A 47 -13.22 1.29 -1.73
C SER A 47 -14.73 1.02 -1.65
N PHE A 48 -15.18 0.08 -0.81
CA PHE A 48 -16.62 -0.26 -0.70
C PHE A 48 -17.29 0.50 0.46
N LYS A 49 -16.56 1.38 1.13
CA LYS A 49 -17.20 2.35 2.07
C LYS A 49 -18.13 3.31 1.34
N ASN A 50 -19.45 3.20 1.59
CA ASN A 50 -20.45 4.12 0.99
C ASN A 50 -20.31 4.12 -0.54
N SER A 51 -20.15 2.95 -1.13
CA SER A 51 -20.09 2.80 -2.61
C SER A 51 -21.46 2.54 -3.25
N ALA A 52 -22.53 2.30 -2.50
CA ALA A 52 -23.88 2.06 -3.04
C ALA A 52 -24.30 3.25 -3.91
N THR A 53 -24.85 2.97 -5.09
CA THR A 53 -25.26 4.00 -6.09
C THR A 53 -26.26 3.35 -7.03
N PRO A 54 -27.19 4.11 -7.63
CA PRO A 54 -28.23 3.51 -8.45
C PRO A 54 -27.76 2.97 -9.78
N VAL A 55 -28.65 2.21 -10.42
CA VAL A 55 -28.36 1.68 -11.77
C VAL A 55 -28.16 2.89 -12.70
N GLY A 56 -27.20 2.76 -13.61
CA GLY A 56 -26.98 3.80 -14.63
C GLY A 56 -26.05 4.91 -14.14
N THR A 57 -25.46 4.76 -12.95
CA THR A 57 -24.53 5.76 -12.33
C THR A 57 -23.19 5.15 -11.98
N ALA A 58 -22.24 6.03 -11.66
CA ALA A 58 -20.90 5.63 -11.21
C ALA A 58 -20.53 6.48 -10.01
N LYS A 59 -19.93 5.84 -9.02
CA LYS A 59 -19.51 6.52 -7.78
C LYS A 59 -18.07 6.11 -7.50
N THR A 60 -17.17 7.08 -7.31
CA THR A 60 -15.73 6.79 -7.08
C THR A 60 -15.46 6.84 -5.58
N VAL A 61 -14.76 5.85 -5.10
CA VAL A 61 -14.23 5.77 -3.72
C VAL A 61 -12.75 5.43 -3.80
N MET A 62 -11.93 6.19 -3.08
N MET A 62 -11.92 6.20 -3.10
CA MET A 62 -10.45 6.01 -3.07
CA MET A 62 -10.46 6.01 -3.05
C MET A 62 -10.08 4.83 -2.17
C MET A 62 -10.12 4.80 -2.19
N CYS A 63 -9.12 4.02 -2.62
CA CYS A 63 -8.44 2.99 -1.79
C CYS A 63 -7.00 3.50 -1.67
N GLY A 64 -6.67 4.16 -0.56
CA GLY A 64 -5.43 4.94 -0.47
C GLY A 64 -5.51 6.12 -1.40
N THR A 65 -4.67 6.22 -2.41
CA THR A 65 -4.81 7.24 -3.47
C THR A 65 -5.24 6.60 -4.80
N TYR A 66 -5.59 5.32 -4.79
CA TYR A 66 -5.99 4.62 -6.04
C TYR A 66 -7.51 4.69 -6.22
N PRO A 67 -8.02 5.32 -7.28
CA PRO A 67 -9.48 5.47 -7.45
C PRO A 67 -10.17 4.19 -7.98
N VAL A 68 -11.25 3.79 -7.31
CA VAL A 68 -12.15 2.70 -7.75
C VAL A 68 -13.47 3.35 -8.16
N ILE A 69 -13.81 3.27 -9.46
CA ILE A 69 -15.03 3.86 -10.02
C ILE A 69 -16.06 2.71 -10.03
N HIS A 70 -17.00 2.74 -9.11
CA HIS A 70 -18.12 1.74 -9.06
C HIS A 70 -19.18 2.10 -10.09
N ALA A 71 -19.27 1.36 -11.19
CA ALA A 71 -20.22 1.62 -12.29
C ALA A 71 -21.31 0.52 -12.24
N VAL A 72 -22.57 0.94 -12.13
CA VAL A 72 -23.72 -0.01 -11.99
C VAL A 72 -24.49 -0.16 -13.31
N GLY A 73 -24.22 -1.25 -14.02
CA GLY A 73 -24.94 -1.63 -15.23
C GLY A 73 -26.27 -2.28 -14.84
N PRO A 74 -27.26 -2.23 -15.72
CA PRO A 74 -28.54 -2.90 -15.50
C PRO A 74 -28.41 -4.42 -15.55
N ASN A 75 -29.24 -5.07 -14.71
CA ASN A 75 -29.40 -6.56 -14.80
C ASN A 75 -30.52 -6.82 -15.82
N PHE A 76 -30.20 -7.35 -16.98
CA PHE A 76 -31.15 -7.58 -18.10
C PHE A 76 -32.16 -8.69 -17.75
N SER A 77 -31.98 -9.38 -16.63
CA SER A 77 -33.04 -10.25 -16.05
C SER A 77 -34.26 -9.41 -15.60
N ASN A 78 -34.07 -8.13 -15.27
CA ASN A 78 -35.09 -7.30 -14.62
C ASN A 78 -35.57 -6.18 -15.53
N TYR A 79 -34.67 -5.62 -16.32
CA TYR A 79 -34.97 -4.50 -17.25
C TYR A 79 -35.46 -5.08 -18.58
N THR A 80 -36.33 -4.34 -19.26
CA THR A 80 -36.67 -4.56 -20.68
C THR A 80 -35.40 -4.32 -21.51
N GLU A 81 -35.31 -4.90 -22.70
CA GLU A 81 -34.17 -4.64 -23.62
C GLU A 81 -34.02 -3.13 -23.83
N SER A 82 -35.11 -2.40 -23.98
CA SER A 82 -35.10 -0.95 -24.29
C SER A 82 -34.57 -0.15 -23.09
N GLU A 83 -35.10 -0.42 -21.90
CA GLU A 83 -34.71 0.37 -20.70
C GLU A 83 -33.30 -0.03 -20.26
N GLY A 84 -32.96 -1.30 -20.38
CA GLY A 84 -31.63 -1.80 -20.03
C GLY A 84 -30.60 -1.14 -20.93
N ASP A 85 -30.90 -1.03 -22.21
CA ASP A 85 -29.95 -0.44 -23.17
C ASP A 85 -29.65 0.99 -22.76
N ARG A 86 -30.69 1.76 -22.35
CA ARG A 86 -30.58 3.18 -21.94
C ARG A 86 -29.74 3.27 -20.66
N GLU A 87 -29.96 2.39 -19.69
CA GLU A 87 -29.22 2.43 -18.41
C GLU A 87 -27.75 2.03 -18.67
N LEU A 88 -27.50 1.07 -19.57
CA LEU A 88 -26.14 0.60 -19.86
C LEU A 88 -25.34 1.75 -20.51
N ALA A 89 -25.93 2.42 -21.50
CA ALA A 89 -25.35 3.64 -22.11
C ALA A 89 -25.05 4.68 -21.03
N ALA A 90 -25.98 4.91 -20.09
CA ALA A 90 -25.84 5.95 -19.06
C ALA A 90 -24.68 5.60 -18.12
N ALA A 91 -24.58 4.33 -17.68
CA ALA A 91 -23.49 3.94 -16.76
C ALA A 91 -22.13 4.33 -17.37
N TYR A 92 -21.91 4.03 -18.65
CA TYR A 92 -20.63 4.37 -19.32
C TYR A 92 -20.43 5.88 -19.42
N ARG A 93 -21.49 6.67 -19.66
CA ARG A 93 -21.33 8.16 -19.71
C ARG A 93 -20.89 8.65 -18.34
N GLU A 94 -21.40 8.08 -17.22
CA GLU A 94 -20.99 8.52 -15.86
C GLU A 94 -19.52 8.09 -15.64
N VAL A 95 -19.07 6.95 -16.17
CA VAL A 95 -17.66 6.53 -16.03
C VAL A 95 -16.76 7.56 -16.74
N ALA A 96 -17.14 7.99 -17.93
CA ALA A 96 -16.34 9.00 -18.68
C ALA A 96 -16.22 10.30 -17.86
N LYS A 97 -17.28 10.76 -17.19
CA LYS A 97 -17.24 11.98 -16.34
C LYS A 97 -16.26 11.76 -15.19
N GLU A 98 -16.29 10.60 -14.53
CA GLU A 98 -15.41 10.34 -13.37
C GLU A 98 -13.94 10.29 -13.81
N VAL A 99 -13.65 9.56 -14.89
CA VAL A 99 -12.28 9.42 -15.43
C VAL A 99 -11.76 10.84 -15.72
N THR A 100 -12.60 11.66 -16.31
CA THR A 100 -12.20 13.07 -16.64
C THR A 100 -11.93 13.85 -15.37
N ARG A 101 -12.83 13.81 -14.40
CA ARG A 101 -12.72 14.55 -13.13
C ARG A 101 -11.42 14.16 -12.40
N LEU A 102 -11.04 12.89 -12.40
CA LEU A 102 -9.93 12.34 -11.62
C LEU A 102 -8.61 12.81 -12.24
N GLY A 103 -8.59 13.12 -13.53
CA GLY A 103 -7.35 13.58 -14.21
C GLY A 103 -6.37 12.46 -14.45
N VAL A 104 -6.82 11.19 -14.41
CA VAL A 104 -5.95 10.02 -14.71
C VAL A 104 -5.55 10.00 -16.20
N ASN A 105 -4.42 9.37 -16.48
CA ASN A 105 -3.91 9.18 -17.84
C ASN A 105 -4.29 7.79 -18.37
N SER A 106 -4.85 6.94 -17.51
CA SER A 106 -5.25 5.58 -17.95
C SER A 106 -6.32 5.02 -17.00
N VAL A 107 -7.11 4.08 -17.51
CA VAL A 107 -8.22 3.43 -16.77
C VAL A 107 -8.35 1.97 -17.27
N ALA A 108 -8.56 1.03 -16.34
CA ALA A 108 -8.89 -0.39 -16.59
C ALA A 108 -10.41 -0.52 -16.51
N ILE A 109 -11.05 -1.11 -17.52
N ILE A 109 -11.05 -1.04 -17.56
CA ILE A 109 -12.54 -1.16 -17.59
CA ILE A 109 -12.55 -1.14 -17.65
C ILE A 109 -13.02 -2.54 -18.06
C ILE A 109 -12.96 -2.57 -18.01
N PRO A 110 -14.00 -3.13 -17.35
CA PRO A 110 -14.65 -4.34 -17.81
C PRO A 110 -15.86 -4.02 -18.70
N LEU A 111 -16.37 -5.02 -19.45
CA LEU A 111 -17.61 -4.79 -20.24
C LEU A 111 -18.82 -4.98 -19.31
N LEU A 112 -19.47 -3.87 -18.98
CA LEU A 112 -20.64 -3.83 -18.06
C LEU A 112 -21.78 -4.66 -18.64
N SER A 113 -22.50 -5.35 -17.75
CA SER A 113 -23.74 -6.13 -18.06
C SER A 113 -23.48 -7.32 -19.01
N THR A 114 -22.29 -7.87 -19.07
CA THR A 114 -21.96 -8.99 -20.02
C THR A 114 -21.83 -10.33 -19.30
N GLY A 115 -21.85 -10.34 -17.96
CA GLY A 115 -21.73 -11.56 -17.14
C GLY A 115 -23.08 -11.95 -16.54
N VAL A 116 -23.19 -12.00 -15.22
CA VAL A 116 -24.44 -12.41 -14.54
C VAL A 116 -25.56 -11.36 -14.70
N TYR A 117 -25.28 -10.15 -15.19
CA TYR A 117 -26.33 -9.14 -15.50
C TYR A 117 -26.75 -9.21 -16.97
N SER A 118 -26.25 -10.19 -17.74
CA SER A 118 -26.50 -10.25 -19.22
C SER A 118 -27.91 -10.78 -19.55
N GLY A 119 -28.63 -11.34 -18.57
CA GLY A 119 -29.93 -11.99 -18.87
C GLY A 119 -29.78 -13.15 -19.85
N GLY A 120 -28.62 -13.81 -19.83
CA GLY A 120 -28.29 -15.00 -20.63
C GLY A 120 -28.03 -14.75 -22.11
N LYS A 121 -27.78 -13.48 -22.51
CA LYS A 121 -27.52 -13.08 -23.92
C LYS A 121 -26.06 -12.63 -24.05
N ASP A 122 -25.53 -12.73 -25.27
CA ASP A 122 -24.17 -12.25 -25.59
C ASP A 122 -24.34 -10.77 -25.86
N ARG A 123 -23.73 -9.92 -25.04
CA ARG A 123 -23.88 -8.45 -25.16
C ARG A 123 -22.49 -7.83 -25.41
N LEU A 124 -21.53 -8.59 -25.94
CA LEU A 124 -20.17 -8.03 -26.21
C LEU A 124 -20.31 -6.76 -27.05
N THR A 125 -20.95 -6.83 -28.23
CA THR A 125 -21.03 -5.67 -29.16
C THR A 125 -21.80 -4.53 -28.50
N GLN A 126 -22.94 -4.83 -27.88
CA GLN A 126 -23.81 -3.79 -27.30
C GLN A 126 -23.01 -3.02 -26.23
N SER A 127 -22.39 -3.74 -25.32
CA SER A 127 -21.67 -3.12 -24.17
C SER A 127 -20.43 -2.37 -24.66
N LEU A 128 -19.64 -2.99 -25.55
CA LEU A 128 -18.41 -2.36 -26.12
C LEU A 128 -18.78 -1.07 -26.89
N ASN A 129 -19.87 -1.06 -27.65
CA ASN A 129 -20.24 0.14 -28.44
C ASN A 129 -20.63 1.25 -27.48
N HIS A 130 -21.32 0.95 -26.38
CA HIS A 130 -21.66 1.99 -25.38
C HIS A 130 -20.37 2.49 -24.69
N LEU A 131 -19.41 1.60 -24.45
CA LEU A 131 -18.10 1.97 -23.87
C LEU A 131 -17.45 3.00 -24.82
N PHE A 132 -17.37 2.69 -26.09
CA PHE A 132 -16.74 3.61 -27.09
C PHE A 132 -17.48 4.94 -27.12
N THR A 133 -18.83 4.93 -27.18
CA THR A 133 -19.60 6.20 -27.29
C THR A 133 -19.19 7.15 -26.15
N ALA A 134 -19.01 6.61 -24.94
CA ALA A 134 -18.69 7.38 -23.72
C ALA A 134 -17.23 7.80 -23.73
N MET A 135 -16.32 6.88 -24.01
CA MET A 135 -14.87 7.07 -23.74
C MET A 135 -14.19 7.74 -24.95
N ASP A 136 -14.84 7.81 -26.11
CA ASP A 136 -14.13 8.34 -27.31
C ASP A 136 -13.64 9.77 -27.10
N SER A 137 -14.41 10.57 -26.36
CA SER A 137 -14.15 12.02 -26.14
C SER A 137 -13.15 12.23 -24.99
N THR A 138 -12.78 11.16 -24.26
CA THR A 138 -11.77 11.25 -23.16
C THR A 138 -10.37 11.04 -23.75
N ASP A 139 -9.34 11.52 -23.06
CA ASP A 139 -7.95 11.32 -23.52
C ASP A 139 -7.18 10.35 -22.62
N ALA A 140 -7.87 9.57 -21.78
CA ALA A 140 -7.17 8.51 -21.02
C ALA A 140 -6.87 7.30 -21.91
N ASP A 141 -5.74 6.63 -21.72
CA ASP A 141 -5.52 5.28 -22.30
C ASP A 141 -6.59 4.36 -21.68
N VAL A 142 -7.35 3.66 -22.51
CA VAL A 142 -8.40 2.71 -22.00
C VAL A 142 -7.89 1.30 -22.22
N VAL A 143 -7.88 0.50 -21.18
CA VAL A 143 -7.52 -0.93 -21.30
C VAL A 143 -8.72 -1.77 -20.81
N ILE A 144 -9.29 -2.52 -21.74
CA ILE A 144 -10.50 -3.35 -21.49
C ILE A 144 -10.00 -4.70 -21.01
N TYR A 145 -10.57 -5.23 -19.93
CA TYR A 145 -10.19 -6.53 -19.33
C TYR A 145 -11.33 -7.52 -19.58
N CYS A 146 -11.01 -8.70 -20.11
CA CYS A 146 -11.96 -9.81 -20.38
C CYS A 146 -11.35 -11.12 -19.86
N ARG A 147 -12.17 -12.17 -19.81
CA ARG A 147 -11.85 -13.53 -19.27
C ARG A 147 -11.65 -14.53 -20.42
N ASP A 148 -12.49 -14.42 -21.45
CA ASP A 148 -12.66 -15.45 -22.52
C ASP A 148 -11.75 -15.15 -23.71
N LYS A 149 -11.07 -16.18 -24.27
CA LYS A 149 -10.13 -16.03 -25.40
C LYS A 149 -10.87 -15.57 -26.67
N GLU A 150 -12.07 -16.07 -26.90
CA GLU A 150 -12.85 -15.68 -28.09
C GLU A 150 -13.30 -14.20 -27.95
N TRP A 151 -13.66 -13.76 -26.76
CA TRP A 151 -13.99 -12.32 -26.51
C TRP A 151 -12.77 -11.43 -26.74
N GLU A 152 -11.58 -11.84 -26.33
CA GLU A 152 -10.33 -11.07 -26.53
C GLU A 152 -10.17 -10.81 -28.04
N LYS A 153 -10.29 -11.85 -28.86
CA LYS A 153 -10.16 -11.73 -30.34
C LYS A 153 -11.22 -10.77 -30.89
N LYS A 154 -12.49 -10.89 -30.48
CA LYS A 154 -13.59 -10.03 -30.99
C LYS A 154 -13.39 -8.58 -30.54
N ILE A 155 -12.99 -8.36 -29.29
CA ILE A 155 -12.72 -6.98 -28.81
C ILE A 155 -11.53 -6.40 -29.57
N SER A 156 -10.45 -7.16 -29.75
CA SER A 156 -9.25 -6.69 -30.46
C SER A 156 -9.65 -6.29 -31.88
N GLU A 157 -10.41 -7.15 -32.55
CA GLU A 157 -10.87 -6.88 -33.95
C GLU A 157 -11.68 -5.59 -34.00
N ALA A 158 -12.62 -5.37 -33.08
CA ALA A 158 -13.48 -4.17 -33.04
C ALA A 158 -12.62 -2.93 -32.85
N ILE A 159 -11.60 -3.00 -31.97
CA ILE A 159 -10.70 -1.83 -31.78
C ILE A 159 -9.97 -1.52 -33.10
N GLN A 160 -9.39 -2.54 -33.73
CA GLN A 160 -8.52 -2.40 -34.93
C GLN A 160 -9.34 -1.91 -36.13
N MET A 161 -10.63 -2.24 -36.18
CA MET A 161 -11.55 -1.85 -37.29
C MET A 161 -11.61 -0.32 -37.38
N ARG A 162 -11.74 0.38 -36.25
CA ARG A 162 -11.88 1.86 -36.20
C ARG A 162 -10.53 2.54 -36.50
N THR A 163 -9.43 1.77 -36.52
CA THR A 163 -8.05 2.26 -36.75
C THR A 163 -7.67 2.13 -38.24
N GLY B 1 25.49 -3.61 -23.01
CA GLY B 1 26.22 -4.29 -21.89
C GLY B 1 26.37 -3.40 -20.66
N ALA B 2 26.57 -4.01 -19.50
CA ALA B 2 26.89 -3.32 -18.24
C ALA B 2 28.33 -2.82 -18.33
N MET B 3 28.65 -1.68 -17.72
CA MET B 3 29.97 -1.02 -17.92
C MET B 3 31.10 -1.96 -17.47
N ALA B 4 30.85 -2.72 -16.40
CA ALA B 4 31.75 -3.78 -15.90
C ALA B 4 30.91 -5.01 -15.55
N PRO B 5 30.58 -5.88 -16.55
CA PRO B 5 29.66 -6.98 -16.31
C PRO B 5 30.00 -7.73 -15.00
N SER B 6 29.01 -7.96 -14.14
CA SER B 6 29.19 -8.60 -12.81
C SER B 6 28.12 -9.69 -12.60
N TYR B 7 28.37 -10.54 -11.60
CA TYR B 7 27.37 -11.38 -10.91
C TYR B 7 27.17 -10.87 -9.47
N ARG B 8 25.91 -10.85 -9.04
CA ARG B 8 25.50 -10.54 -7.64
C ARG B 8 24.41 -11.52 -7.21
N VAL B 9 24.35 -11.81 -5.91
CA VAL B 9 23.26 -12.66 -5.33
C VAL B 9 22.49 -11.83 -4.29
N LYS B 10 21.16 -11.88 -4.40
CA LYS B 10 20.18 -11.25 -3.48
C LYS B 10 19.23 -12.31 -2.94
N ARG B 11 19.30 -12.60 -1.64
CA ARG B 11 18.28 -13.41 -0.93
C ARG B 11 17.03 -12.54 -0.74
N MET B 12 16.13 -12.56 -1.72
CA MET B 12 14.82 -11.86 -1.69
C MET B 12 13.95 -12.42 -2.82
N ASP B 13 12.69 -11.99 -2.86
CA ASP B 13 11.68 -12.42 -3.86
C ASP B 13 12.04 -11.85 -5.24
N ILE B 14 12.30 -12.72 -6.21
CA ILE B 14 12.67 -12.32 -7.61
C ILE B 14 11.59 -11.44 -8.27
N ALA B 15 10.35 -11.56 -7.81
CA ALA B 15 9.21 -10.70 -8.20
C ALA B 15 9.53 -9.23 -7.87
N LYS B 16 10.43 -8.98 -6.91
CA LYS B 16 10.78 -7.60 -6.46
C LYS B 16 12.17 -7.23 -6.98
N ASN B 17 12.48 -7.57 -8.25
CA ASN B 17 13.80 -7.29 -8.89
C ASN B 17 13.81 -5.90 -9.52
N ASP B 18 14.95 -5.21 -9.40
CA ASP B 18 15.23 -3.88 -10.00
C ASP B 18 16.09 -4.08 -11.27
N GLU B 19 16.08 -5.28 -11.85
CA GLU B 19 16.87 -5.57 -13.10
C GLU B 19 15.98 -5.31 -14.31
N GLU B 20 16.55 -5.31 -15.52
CA GLU B 20 15.86 -4.88 -16.77
C GLU B 20 15.00 -6.00 -17.37
N CYS B 21 15.12 -7.25 -16.90
CA CYS B 21 14.26 -8.38 -17.35
C CYS B 21 14.39 -9.50 -16.30
N VAL B 22 13.47 -10.47 -16.33
CA VAL B 22 13.45 -11.58 -15.34
C VAL B 22 13.38 -12.92 -16.08
N VAL B 23 14.04 -13.90 -15.48
CA VAL B 23 13.95 -15.32 -15.90
C VAL B 23 12.96 -15.98 -14.95
N ASN B 24 11.90 -16.53 -15.52
CA ASN B 24 10.91 -17.37 -14.81
C ASN B 24 11.40 -18.82 -14.82
N ALA B 25 11.36 -19.49 -13.68
CA ALA B 25 11.57 -20.95 -13.57
C ALA B 25 10.24 -21.60 -13.96
N ALA B 26 9.98 -21.72 -15.27
CA ALA B 26 8.67 -22.04 -15.85
C ALA B 26 8.39 -23.56 -15.89
N ASN B 27 7.13 -23.92 -16.01
CA ASN B 27 6.73 -25.28 -16.44
C ASN B 27 6.51 -25.26 -17.94
N PRO B 28 6.51 -26.42 -18.60
CA PRO B 28 6.36 -26.50 -20.04
C PRO B 28 5.01 -26.05 -20.62
N ARG B 29 3.98 -25.93 -19.79
CA ARG B 29 2.58 -25.74 -20.28
C ARG B 29 2.15 -24.30 -20.04
N GLY B 30 3.01 -23.47 -19.45
CA GLY B 30 2.69 -22.08 -19.11
C GLY B 30 1.63 -21.97 -18.02
N LEU B 31 1.64 -22.86 -17.02
CA LEU B 31 0.74 -22.79 -15.85
C LEU B 31 1.38 -21.97 -14.74
N PRO B 32 0.58 -21.48 -13.77
CA PRO B 32 1.12 -20.73 -12.62
C PRO B 32 2.16 -21.42 -11.72
N GLY B 33 2.06 -22.73 -11.52
CA GLY B 33 3.12 -23.51 -10.86
C GLY B 33 3.37 -23.10 -9.42
N ASP B 34 4.59 -23.29 -8.93
CA ASP B 34 4.95 -23.07 -7.51
C ASP B 34 6.19 -22.17 -7.43
N GLY B 35 6.55 -21.81 -6.20
CA GLY B 35 7.81 -21.09 -5.88
C GLY B 35 7.96 -19.88 -6.77
N VAL B 36 9.11 -19.72 -7.42
CA VAL B 36 9.40 -18.60 -8.37
C VAL B 36 8.26 -18.44 -9.38
N CYS B 37 7.81 -19.51 -10.02
CA CYS B 37 6.80 -19.41 -11.08
C CYS B 37 5.53 -18.76 -10.54
N LYS B 38 5.10 -19.17 -9.35
CA LYS B 38 3.89 -18.58 -8.72
C LYS B 38 4.19 -17.08 -8.44
N ALA B 39 5.36 -16.79 -7.86
CA ALA B 39 5.79 -15.39 -7.55
C ALA B 39 5.69 -14.56 -8.82
N VAL B 40 6.18 -15.12 -9.94
CA VAL B 40 6.22 -14.47 -11.28
C VAL B 40 4.81 -14.37 -11.85
N TYR B 41 3.94 -15.37 -11.63
CA TYR B 41 2.53 -15.32 -12.11
C TYR B 41 1.75 -14.24 -11.34
N LYS B 42 2.10 -13.99 -10.09
CA LYS B 42 1.41 -12.97 -9.25
C LYS B 42 1.75 -11.54 -9.73
N LYS B 43 3.04 -11.35 -10.04
CA LYS B 43 3.68 -10.03 -10.22
C LYS B 43 3.48 -9.59 -11.67
N TRP B 44 3.73 -10.50 -12.60
CA TRP B 44 3.66 -10.24 -14.06
C TRP B 44 2.74 -11.26 -14.72
N PRO B 45 1.47 -11.39 -14.29
CA PRO B 45 0.55 -12.37 -14.88
C PRO B 45 0.39 -12.25 -16.40
N GLU B 46 0.49 -11.04 -16.95
CA GLU B 46 0.38 -10.80 -18.41
C GLU B 46 1.43 -11.65 -19.15
N SER B 47 2.58 -11.94 -18.52
CA SER B 47 3.73 -12.65 -19.18
C SER B 47 3.44 -14.14 -19.49
N PHE B 48 2.26 -14.70 -19.15
CA PHE B 48 1.95 -16.14 -19.31
C PHE B 48 1.14 -16.47 -20.57
N LYS B 49 0.70 -15.45 -21.30
CA LYS B 49 -0.03 -15.66 -22.58
C LYS B 49 0.91 -16.35 -23.58
N ASN B 50 0.53 -17.54 -24.05
CA ASN B 50 1.29 -18.37 -25.01
C ASN B 50 2.75 -18.59 -24.58
N SER B 51 2.99 -18.81 -23.28
CA SER B 51 4.35 -19.00 -22.70
C SER B 51 4.80 -20.47 -22.78
N ALA B 52 3.88 -21.39 -23.09
CA ALA B 52 4.20 -22.85 -23.17
C ALA B 52 5.36 -23.13 -24.15
N THR B 53 6.34 -23.92 -23.72
CA THR B 53 7.58 -24.24 -24.48
C THR B 53 8.21 -25.51 -23.89
N PRO B 54 8.92 -26.32 -24.70
CA PRO B 54 9.52 -27.58 -24.23
C PRO B 54 10.60 -27.42 -23.17
N VAL B 55 10.82 -28.51 -22.46
CA VAL B 55 11.96 -28.63 -21.51
C VAL B 55 13.25 -28.35 -22.28
N GLY B 56 14.15 -27.59 -21.65
CA GLY B 56 15.47 -27.27 -22.22
C GLY B 56 15.40 -26.05 -23.12
N THR B 57 14.29 -25.32 -23.14
CA THR B 57 14.11 -24.10 -23.98
C THR B 57 13.67 -22.92 -23.14
N ALA B 58 13.77 -21.73 -23.74
CA ALA B 58 13.33 -20.46 -23.12
C ALA B 58 12.49 -19.73 -24.15
N LYS B 59 11.38 -19.11 -23.70
CA LYS B 59 10.44 -18.34 -24.55
C LYS B 59 10.14 -17.01 -23.85
N THR B 60 10.42 -15.88 -24.52
CA THR B 60 10.25 -14.55 -23.91
C THR B 60 8.86 -14.05 -24.29
N VAL B 61 8.13 -13.51 -23.31
CA VAL B 61 6.82 -12.82 -23.52
C VAL B 61 6.92 -11.44 -22.83
N MET B 62 6.46 -10.32 -23.39
CA MET B 62 6.61 -9.02 -22.67
C MET B 62 5.52 -8.85 -21.61
N CYS B 63 5.83 -8.15 -20.50
CA CYS B 63 4.83 -7.60 -19.55
C CYS B 63 4.92 -6.07 -19.55
N GLY B 64 4.15 -5.44 -20.43
CA GLY B 64 4.38 -4.03 -20.84
C GLY B 64 5.70 -3.92 -21.59
N THR B 65 6.69 -3.24 -21.00
CA THR B 65 8.06 -3.03 -21.55
C THR B 65 9.08 -3.94 -20.85
N TYR B 66 8.60 -4.88 -20.02
CA TYR B 66 9.41 -5.75 -19.13
C TYR B 66 9.42 -7.16 -19.70
N PRO B 67 10.57 -7.65 -20.27
CA PRO B 67 10.66 -9.00 -20.82
C PRO B 67 10.72 -10.05 -19.71
N VAL B 68 9.81 -11.02 -19.79
CA VAL B 68 9.82 -12.26 -18.94
C VAL B 68 10.27 -13.43 -19.82
N ILE B 69 11.43 -13.99 -19.46
CA ILE B 69 12.06 -15.12 -20.19
C ILE B 69 11.64 -16.42 -19.48
N HIS B 70 10.71 -17.16 -20.05
CA HIS B 70 10.21 -18.43 -19.44
C HIS B 70 11.21 -19.54 -19.78
N ALA B 71 12.00 -19.96 -18.80
CA ALA B 71 13.06 -20.98 -19.01
C ALA B 71 12.59 -22.29 -18.37
N VAL B 72 12.49 -23.36 -19.16
CA VAL B 72 11.93 -24.65 -18.65
C VAL B 72 13.07 -25.62 -18.30
N GLY B 73 13.45 -25.68 -17.05
CA GLY B 73 14.36 -26.71 -16.54
C GLY B 73 13.65 -28.05 -16.37
N PRO B 74 14.42 -29.14 -16.37
CA PRO B 74 13.85 -30.50 -16.30
C PRO B 74 13.34 -30.75 -14.88
N ASN B 75 12.25 -31.55 -14.78
CA ASN B 75 11.82 -32.11 -13.46
C ASN B 75 12.64 -33.38 -13.23
N PHE B 76 13.54 -33.37 -12.26
CA PHE B 76 14.39 -34.55 -11.96
C PHE B 76 13.59 -35.72 -11.33
N SER B 77 12.29 -35.54 -11.03
CA SER B 77 11.38 -36.66 -10.66
C SER B 77 11.02 -37.48 -11.91
N ASN B 78 11.21 -36.90 -13.10
CA ASN B 78 10.86 -37.55 -14.38
C ASN B 78 12.09 -37.88 -15.23
N TYR B 79 13.11 -37.02 -15.23
CA TYR B 79 14.35 -37.18 -16.04
C TYR B 79 15.36 -37.98 -15.24
N THR B 80 16.20 -38.78 -15.91
CA THR B 80 17.39 -39.36 -15.30
C THR B 80 18.39 -38.24 -14.97
N GLU B 81 19.32 -38.51 -14.07
CA GLU B 81 20.43 -37.57 -13.76
C GLU B 81 21.12 -37.18 -15.07
N SER B 82 21.37 -38.15 -15.96
CA SER B 82 22.10 -37.89 -17.22
C SER B 82 21.28 -36.97 -18.13
N GLU B 83 20.03 -37.34 -18.41
CA GLU B 83 19.21 -36.58 -19.38
C GLU B 83 18.81 -35.22 -18.79
N GLY B 84 18.51 -35.17 -17.49
CA GLY B 84 18.23 -33.93 -16.75
C GLY B 84 19.41 -32.97 -16.84
N ASP B 85 20.64 -33.46 -16.67
CA ASP B 85 21.82 -32.55 -16.64
C ASP B 85 21.95 -31.85 -17.99
N ARG B 86 21.66 -32.57 -19.08
CA ARG B 86 21.77 -32.03 -20.46
C ARG B 86 20.68 -30.96 -20.65
N GLU B 87 19.43 -31.27 -20.23
CA GLU B 87 18.29 -30.34 -20.43
C GLU B 87 18.49 -29.09 -19.58
N LEU B 88 19.06 -29.22 -18.38
CA LEU B 88 19.30 -28.06 -17.48
C LEU B 88 20.36 -27.15 -18.11
N ALA B 89 21.45 -27.70 -18.64
CA ALA B 89 22.46 -26.91 -19.37
C ALA B 89 21.78 -26.19 -20.56
N ALA B 90 20.94 -26.88 -21.31
CA ALA B 90 20.28 -26.37 -22.52
C ALA B 90 19.39 -25.18 -22.17
N ALA B 91 18.62 -25.27 -21.06
CA ALA B 91 17.68 -24.21 -20.68
C ALA B 91 18.51 -22.95 -20.45
N TYR B 92 19.61 -23.06 -19.71
CA TYR B 92 20.45 -21.87 -19.44
C TYR B 92 21.08 -21.35 -20.75
N ARG B 93 21.52 -22.21 -21.66
CA ARG B 93 22.07 -21.69 -22.94
C ARG B 93 21.03 -20.86 -23.69
N GLU B 94 19.75 -21.28 -23.70
N GLU B 94 19.75 -21.27 -23.67
CA GLU B 94 18.65 -20.53 -24.38
CA GLU B 94 18.67 -20.54 -24.38
C GLU B 94 18.44 -19.19 -23.64
C GLU B 94 18.39 -19.22 -23.64
N VAL B 95 18.54 -19.19 -22.30
CA VAL B 95 18.43 -17.93 -21.51
C VAL B 95 19.53 -16.96 -22.01
N ALA B 96 20.77 -17.39 -22.15
CA ALA B 96 21.90 -16.52 -22.59
C ALA B 96 21.60 -15.93 -23.96
N LYS B 97 21.12 -16.75 -24.91
CA LYS B 97 20.75 -16.29 -26.27
C LYS B 97 19.64 -15.24 -26.16
N GLU B 98 18.62 -15.47 -25.34
CA GLU B 98 17.52 -14.47 -25.20
C GLU B 98 18.03 -13.15 -24.59
N VAL B 99 18.77 -13.21 -23.49
CA VAL B 99 19.31 -11.99 -22.83
C VAL B 99 20.12 -11.22 -23.89
N THR B 100 20.90 -11.92 -24.72
CA THR B 100 21.75 -11.30 -25.78
C THR B 100 20.81 -10.65 -26.82
N ARG B 101 19.79 -11.36 -27.28
CA ARG B 101 18.87 -10.85 -28.34
C ARG B 101 18.16 -9.58 -27.85
N LEU B 102 17.77 -9.53 -26.59
CA LEU B 102 16.91 -8.45 -26.03
C LEU B 102 17.73 -7.17 -25.87
N GLY B 103 19.05 -7.25 -25.67
CA GLY B 103 19.92 -6.07 -25.54
C GLY B 103 19.91 -5.46 -24.16
N VAL B 104 19.38 -6.17 -23.15
CA VAL B 104 19.35 -5.70 -21.74
C VAL B 104 20.77 -5.57 -21.19
N ASN B 105 20.93 -4.71 -20.20
CA ASN B 105 22.18 -4.50 -19.46
C ASN B 105 22.14 -5.25 -18.13
N SER B 106 20.98 -5.80 -17.77
CA SER B 106 20.73 -6.51 -16.48
C SER B 106 19.70 -7.62 -16.67
N VAL B 107 19.76 -8.63 -15.79
CA VAL B 107 18.81 -9.79 -15.76
C VAL B 107 18.77 -10.34 -14.33
N ALA B 108 17.55 -10.66 -13.86
CA ALA B 108 17.33 -11.34 -12.57
C ALA B 108 17.06 -12.80 -12.92
N ILE B 109 17.78 -13.72 -12.30
N ILE B 109 17.82 -13.70 -12.30
CA ILE B 109 17.70 -15.16 -12.68
CA ILE B 109 17.85 -15.16 -12.63
C ILE B 109 17.69 -16.02 -11.42
C ILE B 109 17.63 -15.96 -11.34
N PRO B 110 16.75 -16.99 -11.34
CA PRO B 110 16.70 -17.94 -10.24
C PRO B 110 17.51 -19.19 -10.63
N LEU B 111 17.75 -20.08 -9.68
CA LEU B 111 18.45 -21.36 -9.95
C LEU B 111 17.42 -22.39 -10.42
N LEU B 112 17.41 -22.63 -11.74
CA LEU B 112 16.51 -23.61 -12.38
C LEU B 112 16.70 -25.01 -11.77
N SER B 113 15.58 -25.71 -11.66
CA SER B 113 15.47 -27.12 -11.19
C SER B 113 15.95 -27.27 -9.72
N THR B 114 15.90 -26.26 -8.86
CA THR B 114 16.40 -26.38 -7.45
C THR B 114 15.23 -26.44 -6.45
N GLY B 115 14.00 -26.26 -6.91
CA GLY B 115 12.78 -26.28 -6.06
C GLY B 115 12.03 -27.58 -6.22
N VAL B 116 10.74 -27.51 -6.57
CA VAL B 116 9.89 -28.71 -6.76
C VAL B 116 10.37 -29.56 -7.93
N TYR B 117 11.25 -29.07 -8.83
CA TYR B 117 11.80 -29.93 -9.93
C TYR B 117 13.13 -30.59 -9.52
N SER B 118 13.62 -30.43 -8.26
CA SER B 118 14.92 -30.97 -7.78
C SER B 118 14.91 -32.50 -7.61
N GLY B 119 13.73 -33.15 -7.56
CA GLY B 119 13.66 -34.58 -7.27
C GLY B 119 14.19 -34.88 -5.88
N GLY B 120 14.06 -33.94 -4.94
CA GLY B 120 14.47 -34.07 -3.53
C GLY B 120 15.96 -33.92 -3.29
N LYS B 121 16.76 -33.45 -4.27
CA LYS B 121 18.23 -33.36 -4.16
C LYS B 121 18.64 -31.89 -4.08
N ASP B 122 19.70 -31.59 -3.33
CA ASP B 122 20.34 -30.25 -3.29
C ASP B 122 21.11 -30.06 -4.60
N ARG B 123 20.68 -29.12 -5.44
CA ARG B 123 21.25 -28.92 -6.81
C ARG B 123 21.84 -27.51 -6.92
N LEU B 124 22.20 -26.88 -5.81
CA LEU B 124 22.67 -25.46 -5.89
C LEU B 124 23.91 -25.43 -6.79
N THR B 125 24.88 -26.29 -6.52
CA THR B 125 26.18 -26.31 -7.23
C THR B 125 25.95 -26.64 -8.71
N GLN B 126 25.22 -27.72 -8.98
CA GLN B 126 24.88 -28.14 -10.35
C GLN B 126 24.23 -26.98 -11.13
N SER B 127 23.17 -26.38 -10.60
CA SER B 127 22.36 -25.36 -11.31
C SER B 127 23.22 -24.10 -11.49
N LEU B 128 23.96 -23.71 -10.45
CA LEU B 128 24.84 -22.51 -10.54
C LEU B 128 25.92 -22.71 -11.60
N ASN B 129 26.49 -23.89 -11.69
CA ASN B 129 27.57 -24.22 -12.67
C ASN B 129 27.00 -24.05 -14.09
N HIS B 130 25.78 -24.54 -14.35
CA HIS B 130 25.16 -24.41 -15.69
C HIS B 130 24.82 -22.92 -15.97
N LEU B 131 24.43 -22.16 -14.94
CA LEU B 131 24.10 -20.72 -15.07
C LEU B 131 25.38 -20.00 -15.53
N PHE B 132 26.48 -20.22 -14.82
CA PHE B 132 27.78 -19.60 -15.16
C PHE B 132 28.22 -20.03 -16.56
N THR B 133 28.19 -21.33 -16.91
CA THR B 133 28.64 -21.82 -18.25
C THR B 133 27.94 -21.04 -19.37
N ALA B 134 26.65 -20.76 -19.20
CA ALA B 134 25.83 -20.08 -20.22
C ALA B 134 26.08 -18.57 -20.14
N MET B 135 26.09 -17.98 -18.95
CA MET B 135 25.98 -16.51 -18.83
C MET B 135 27.37 -15.88 -18.89
N ASP B 136 28.45 -16.65 -18.73
CA ASP B 136 29.82 -16.08 -18.60
C ASP B 136 30.16 -15.24 -19.85
N SER B 137 29.72 -15.66 -21.02
CA SER B 137 30.07 -14.98 -22.30
C SER B 137 29.13 -13.81 -22.60
N THR B 138 28.08 -13.53 -21.78
CA THR B 138 27.16 -12.38 -21.97
C THR B 138 27.72 -11.18 -21.19
N ASP B 139 27.36 -9.95 -21.59
CA ASP B 139 27.84 -8.74 -20.88
C ASP B 139 26.76 -8.13 -20.01
N ALA B 140 25.61 -8.80 -19.78
CA ALA B 140 24.57 -8.23 -18.90
C ALA B 140 24.98 -8.37 -17.44
N ASP B 141 24.60 -7.41 -16.58
CA ASP B 141 24.78 -7.61 -15.11
C ASP B 141 23.79 -8.71 -14.71
N VAL B 142 24.26 -9.76 -14.05
CA VAL B 142 23.37 -10.88 -13.62
C VAL B 142 23.17 -10.79 -12.12
N VAL B 143 21.92 -10.76 -11.68
CA VAL B 143 21.56 -10.84 -10.23
C VAL B 143 20.80 -12.15 -10.04
N ILE B 144 21.37 -13.04 -9.26
CA ILE B 144 20.77 -14.35 -8.92
C ILE B 144 19.88 -14.16 -7.69
N TYR B 145 18.66 -14.66 -7.73
CA TYR B 145 17.73 -14.59 -6.57
C TYR B 145 17.59 -15.97 -5.94
N CYS B 146 17.80 -16.06 -4.63
CA CYS B 146 17.59 -17.27 -3.78
C CYS B 146 16.64 -16.93 -2.60
N ARG B 147 16.15 -17.90 -1.83
CA ARG B 147 15.32 -17.58 -0.63
C ARG B 147 16.05 -18.00 0.66
N ASP B 148 16.81 -19.07 0.63
CA ASP B 148 17.53 -19.58 1.83
C ASP B 148 18.77 -18.71 2.07
N LYS B 149 19.05 -18.39 3.34
CA LYS B 149 20.20 -17.57 3.76
C LYS B 149 21.50 -18.39 3.64
N GLU B 150 21.44 -19.71 3.84
CA GLU B 150 22.62 -20.60 3.65
C GLU B 150 22.98 -20.63 2.16
N TRP B 151 21.96 -20.61 1.29
CA TRP B 151 22.17 -20.64 -0.18
C TRP B 151 22.80 -19.31 -0.62
N GLU B 152 22.26 -18.17 -0.17
CA GLU B 152 22.89 -16.83 -0.38
C GLU B 152 24.39 -16.95 -0.07
N LYS B 153 24.75 -17.48 1.10
CA LYS B 153 26.16 -17.59 1.56
C LYS B 153 26.96 -18.40 0.53
N LYS B 154 26.45 -19.55 0.09
CA LYS B 154 27.21 -20.50 -0.76
C LYS B 154 27.38 -19.92 -2.18
N ILE B 155 26.35 -19.26 -2.70
CA ILE B 155 26.34 -18.60 -4.05
C ILE B 155 27.32 -17.43 -4.01
N SER B 156 27.23 -16.59 -2.97
CA SER B 156 28.11 -15.42 -2.76
C SER B 156 29.57 -15.88 -2.76
N GLU B 157 29.88 -16.96 -2.03
CA GLU B 157 31.24 -17.56 -1.93
C GLU B 157 31.68 -18.10 -3.30
N ALA B 158 30.73 -18.63 -4.08
CA ALA B 158 31.00 -19.18 -5.42
C ALA B 158 31.36 -18.03 -6.36
N ILE B 159 30.64 -16.91 -6.30
CA ILE B 159 30.88 -15.70 -7.16
C ILE B 159 32.25 -15.12 -6.83
N GLN B 160 32.59 -14.97 -5.54
CA GLN B 160 33.83 -14.30 -5.06
C GLN B 160 35.09 -15.12 -5.40
N MET B 161 34.95 -16.46 -5.35
CA MET B 161 36.03 -17.46 -5.60
C MET B 161 36.67 -17.22 -6.97
N ARG B 162 35.87 -16.75 -7.93
CA ARG B 162 36.27 -16.69 -9.37
C ARG B 162 36.95 -15.36 -9.69
N THR B 163 36.79 -14.36 -8.82
CA THR B 163 37.19 -12.96 -9.03
C THR B 163 38.43 -12.66 -8.17
N GLY C 1 7.48 12.96 23.75
CA GLY C 1 6.71 13.76 22.70
C GLY C 1 7.20 15.19 22.60
N ALA C 2 7.10 15.81 21.42
CA ALA C 2 7.27 17.27 21.31
C ALA C 2 6.11 17.92 22.06
N MET C 3 6.35 19.06 22.75
CA MET C 3 5.29 19.78 23.52
C MET C 3 4.10 20.16 22.60
N ALA C 4 4.33 20.50 21.35
CA ALA C 4 3.27 20.87 20.40
C ALA C 4 3.66 20.29 19.05
N PRO C 5 3.43 18.96 18.84
CA PRO C 5 3.90 18.25 17.64
C PRO C 5 3.58 19.02 16.36
N SER C 6 4.57 19.19 15.48
CA SER C 6 4.45 20.03 14.25
C SER C 6 4.99 19.29 13.04
N TYR C 7 4.66 19.84 11.86
CA TYR C 7 5.29 19.52 10.57
C TYR C 7 6.04 20.76 10.07
N ARG C 8 7.26 20.58 9.57
CA ARG C 8 8.06 21.63 8.89
C ARG C 8 8.65 21.04 7.62
N VAL C 9 9.00 21.90 6.67
CA VAL C 9 9.76 21.49 5.47
C VAL C 9 11.01 22.36 5.36
N LYS C 10 12.11 21.72 4.96
CA LYS C 10 13.41 22.35 4.72
C LYS C 10 13.94 21.92 3.35
N ARG C 11 14.45 22.88 2.60
CA ARG C 11 15.17 22.61 1.33
C ARG C 11 16.66 22.54 1.68
N MET C 12 17.19 21.34 1.91
CA MET C 12 18.47 21.13 2.60
C MET C 12 18.83 19.64 2.54
N ASP C 13 20.12 19.33 2.53
CA ASP C 13 20.68 17.97 2.55
C ASP C 13 20.20 17.28 3.84
N ILE C 14 19.48 16.16 3.73
CA ILE C 14 18.93 15.48 4.93
C ILE C 14 20.12 14.93 5.75
N ALA C 15 21.29 14.74 5.12
CA ALA C 15 22.46 14.21 5.87
C ALA C 15 23.01 15.24 6.87
N LYS C 16 22.51 16.48 6.82
N LYS C 16 22.55 16.49 6.82
CA LYS C 16 22.88 17.61 7.71
CA LYS C 16 22.93 17.55 7.78
C LYS C 16 21.68 18.02 8.57
C LYS C 16 21.68 18.01 8.57
N ASN C 17 20.71 17.12 8.77
CA ASN C 17 19.51 17.44 9.57
C ASN C 17 19.84 17.81 11.04
N ASP C 18 18.86 18.43 11.70
CA ASP C 18 18.91 18.91 13.11
C ASP C 18 17.91 18.13 13.98
N GLU C 19 17.55 16.91 13.59
CA GLU C 19 16.59 16.09 14.35
C GLU C 19 17.26 14.90 15.07
N GLU C 20 16.47 14.20 15.88
CA GLU C 20 16.98 13.11 16.79
C GLU C 20 17.20 11.79 16.02
N CYS C 21 16.65 11.67 14.82
CA CYS C 21 16.84 10.48 13.96
C CYS C 21 16.51 10.84 12.51
N VAL C 22 16.91 9.98 11.58
CA VAL C 22 16.73 10.22 10.12
C VAL C 22 16.04 9.02 9.48
N VAL C 23 15.21 9.29 8.49
CA VAL C 23 14.64 8.24 7.61
C VAL C 23 15.48 8.21 6.35
N ASN C 24 16.09 7.07 6.06
CA ASN C 24 16.76 6.82 4.76
C ASN C 24 15.73 6.30 3.73
N ALA C 25 15.76 6.82 2.51
CA ALA C 25 15.00 6.25 1.38
C ALA C 25 15.84 5.09 0.82
N ALA C 26 15.69 3.94 1.42
CA ALA C 26 16.52 2.74 1.29
C ALA C 26 16.08 1.87 0.10
N ASN C 27 16.95 0.92 -0.25
CA ASN C 27 16.69 -0.11 -1.28
C ASN C 27 16.62 -1.40 -0.48
N PRO C 28 15.92 -2.45 -0.96
CA PRO C 28 15.77 -3.68 -0.18
C PRO C 28 17.09 -4.39 0.18
N ARG C 29 18.15 -4.21 -0.63
CA ARG C 29 19.43 -4.96 -0.44
C ARG C 29 20.34 -4.24 0.56
N GLY C 30 20.05 -2.99 0.90
CA GLY C 30 20.80 -2.26 1.95
C GLY C 30 22.10 -1.72 1.40
N LEU C 31 22.07 -1.34 0.13
CA LEU C 31 23.22 -0.81 -0.64
C LEU C 31 23.24 0.70 -0.59
N PRO C 32 24.44 1.30 -0.71
CA PRO C 32 24.60 2.75 -0.79
C PRO C 32 23.61 3.46 -1.72
N GLY C 33 23.33 2.88 -2.89
CA GLY C 33 22.35 3.43 -3.84
C GLY C 33 22.71 4.83 -4.31
N ASP C 34 21.70 5.67 -4.52
CA ASP C 34 21.81 7.05 -5.10
C ASP C 34 20.89 7.99 -4.32
N GLY C 35 20.88 9.26 -4.72
CA GLY C 35 19.97 10.28 -4.12
C GLY C 35 20.22 10.38 -2.62
N VAL C 36 19.13 10.50 -1.83
CA VAL C 36 19.22 10.62 -0.34
C VAL C 36 20.01 9.42 0.20
N CYS C 37 19.84 8.23 -0.40
CA CYS C 37 20.44 6.97 0.14
C CYS C 37 21.99 7.04 0.10
N LYS C 38 22.59 7.74 -0.89
CA LYS C 38 24.07 7.87 -1.03
C LYS C 38 24.62 8.90 -0.01
N ALA C 39 24.00 10.08 0.10
CA ALA C 39 24.33 11.09 1.13
C ALA C 39 24.26 10.46 2.54
N VAL C 40 23.24 9.63 2.78
CA VAL C 40 22.99 8.93 4.07
C VAL C 40 24.13 7.92 4.27
N TYR C 41 24.53 7.22 3.20
CA TYR C 41 25.60 6.19 3.26
C TYR C 41 26.90 6.90 3.63
N LYS C 42 27.13 8.09 3.08
CA LYS C 42 28.40 8.85 3.30
C LYS C 42 28.43 9.36 4.74
N LYS C 43 27.28 9.79 5.28
CA LYS C 43 27.21 10.37 6.66
C LYS C 43 27.22 9.27 7.73
N TRP C 44 26.46 8.19 7.54
CA TRP C 44 26.22 7.15 8.57
C TRP C 44 26.49 5.75 8.00
N PRO C 45 27.71 5.50 7.46
CA PRO C 45 28.01 4.22 6.81
C PRO C 45 27.76 3.01 7.72
N GLU C 46 28.04 3.15 9.02
CA GLU C 46 27.92 2.07 10.03
C GLU C 46 26.46 1.59 10.15
N SER C 47 25.49 2.47 9.84
CA SER C 47 24.05 2.14 9.86
C SER C 47 23.66 1.17 8.74
N PHE C 48 24.56 0.87 7.77
CA PHE C 48 24.26 -0.04 6.63
C PHE C 48 24.59 -1.52 6.92
N LYS C 49 25.11 -1.81 8.12
CA LYS C 49 25.35 -3.19 8.62
C LYS C 49 24.01 -3.91 8.77
N ASN C 50 23.74 -4.89 7.90
CA ASN C 50 22.49 -5.71 7.97
C ASN C 50 21.24 -4.82 7.94
N SER C 51 21.25 -3.81 7.06
CA SER C 51 20.14 -2.83 6.87
C SER C 51 19.07 -3.41 5.93
N ALA C 52 19.42 -4.44 5.13
CA ALA C 52 18.50 -5.04 4.14
C ALA C 52 17.13 -5.27 4.80
N THR C 53 16.05 -4.87 4.13
CA THR C 53 14.65 -5.04 4.60
C THR C 53 13.74 -5.00 3.38
N PRO C 54 12.61 -5.74 3.37
CA PRO C 54 11.75 -5.79 2.18
C PRO C 54 11.06 -4.47 1.81
N VAL C 55 10.69 -4.37 0.53
CA VAL C 55 9.76 -3.31 0.06
C VAL C 55 8.55 -3.26 1.01
N GLY C 56 8.14 -2.04 1.37
CA GLY C 56 6.99 -1.80 2.26
C GLY C 56 7.27 -1.89 3.76
N THR C 57 8.56 -1.95 4.13
CA THR C 57 9.01 -2.12 5.53
C THR C 57 10.05 -1.06 5.90
N ALA C 58 10.35 -0.95 7.21
CA ALA C 58 11.40 -0.05 7.71
C ALA C 58 12.20 -0.84 8.74
N LYS C 59 13.52 -0.68 8.69
CA LYS C 59 14.42 -1.32 9.68
C LYS C 59 15.40 -0.27 10.23
N THR C 60 15.44 -0.12 11.55
CA THR C 60 16.34 0.84 12.23
C THR C 60 17.70 0.22 12.54
N VAL C 61 18.78 0.85 12.08
CA VAL C 61 20.15 0.51 12.52
C VAL C 61 20.79 1.77 13.08
N MET C 62 21.42 1.63 14.25
CA MET C 62 22.16 2.73 14.94
C MET C 62 23.48 2.99 14.22
N CYS C 63 23.83 4.27 14.09
CA CYS C 63 25.20 4.73 13.78
C CYS C 63 25.67 5.39 15.09
N GLY C 64 26.48 4.69 15.89
CA GLY C 64 26.72 5.08 17.29
C GLY C 64 25.44 4.95 18.11
N THR C 65 24.82 6.04 18.56
CA THR C 65 23.46 6.03 19.18
C THR C 65 22.45 6.78 18.29
N TYR C 66 22.85 7.24 17.11
CA TYR C 66 21.98 8.01 16.18
C TYR C 66 21.19 7.03 15.31
N PRO C 67 19.84 6.97 15.46
CA PRO C 67 19.05 6.01 14.71
C PRO C 67 18.89 6.43 13.25
N VAL C 68 19.16 5.49 12.35
CA VAL C 68 18.84 5.59 10.91
C VAL C 68 17.74 4.59 10.59
N ILE C 69 16.57 5.08 10.19
CA ILE C 69 15.37 4.26 9.89
C ILE C 69 15.38 4.01 8.38
N HIS C 70 15.78 2.81 7.96
CA HIS C 70 15.84 2.45 6.52
C HIS C 70 14.44 2.06 6.06
N ALA C 71 13.80 2.93 5.29
CA ALA C 71 12.40 2.75 4.82
C ALA C 71 12.43 2.47 3.34
N VAL C 72 11.88 1.31 2.96
CA VAL C 72 11.94 0.87 1.56
C VAL C 72 10.57 1.09 0.89
N GLY C 73 10.45 2.20 0.17
CA GLY C 73 9.29 2.48 -0.69
C GLY C 73 9.38 1.62 -1.95
N PRO C 74 8.25 1.40 -2.63
CA PRO C 74 8.25 0.69 -3.90
C PRO C 74 8.96 1.49 -4.99
N ASN C 75 9.61 0.78 -5.92
CA ASN C 75 10.10 1.41 -7.15
C ASN C 75 9.00 1.33 -8.22
N PHE C 76 8.42 2.47 -8.61
CA PHE C 76 7.25 2.50 -9.53
C PHE C 76 7.63 2.20 -11.00
N SER C 77 8.93 2.06 -11.31
CA SER C 77 9.37 1.54 -12.63
C SER C 77 8.99 0.06 -12.75
N ASN C 78 8.77 -0.59 -11.60
CA ASN C 78 8.66 -2.06 -11.42
C ASN C 78 7.27 -2.45 -10.91
N TYR C 79 6.53 -1.49 -10.33
CA TYR C 79 5.28 -1.77 -9.56
C TYR C 79 4.12 -1.09 -10.29
N THR C 80 2.96 -1.72 -10.34
CA THR C 80 1.75 -1.08 -10.90
C THR C 80 1.37 0.07 -9.96
N GLU C 81 0.53 0.97 -10.42
CA GLU C 81 -0.01 2.07 -9.55
C GLU C 81 -0.73 1.46 -8.36
N SER C 82 -1.56 0.45 -8.59
CA SER C 82 -2.36 -0.19 -7.52
C SER C 82 -1.44 -0.82 -6.47
N GLU C 83 -0.51 -1.71 -6.88
CA GLU C 83 0.28 -2.46 -5.89
C GLU C 83 1.30 -1.51 -5.24
N GLY C 84 1.85 -0.56 -5.98
CA GLY C 84 2.81 0.40 -5.41
C GLY C 84 2.14 1.32 -4.40
N ASP C 85 0.90 1.73 -4.64
CA ASP C 85 0.22 2.61 -3.68
C ASP C 85 0.15 1.94 -2.30
N ARG C 86 -0.18 0.65 -2.27
CA ARG C 86 -0.27 -0.13 -1.02
C ARG C 86 1.10 -0.18 -0.32
N GLU C 87 2.16 -0.49 -1.07
CA GLU C 87 3.51 -0.66 -0.49
C GLU C 87 4.01 0.70 0.04
N LEU C 88 3.65 1.79 -0.64
CA LEU C 88 4.14 3.14 -0.22
C LEU C 88 3.47 3.48 1.10
N ALA C 89 2.16 3.22 1.22
CA ALA C 89 1.40 3.47 2.47
C ALA C 89 2.04 2.65 3.61
N ALA C 90 2.38 1.38 3.33
CA ALA C 90 2.91 0.44 4.34
C ALA C 90 4.30 0.89 4.80
N ALA C 91 5.17 1.33 3.90
CA ALA C 91 6.52 1.82 4.25
C ALA C 91 6.38 2.96 5.27
N TYR C 92 5.47 3.91 5.00
CA TYR C 92 5.28 5.03 5.95
C TYR C 92 4.70 4.57 7.29
N ARG C 93 3.77 3.62 7.30
N ARG C 93 3.78 3.61 7.33
CA ARG C 93 3.20 3.08 8.56
CA ARG C 93 3.23 3.12 8.63
C ARG C 93 4.35 2.48 9.40
C ARG C 93 4.34 2.44 9.42
N GLU C 94 5.28 1.77 8.75
CA GLU C 94 6.44 1.17 9.49
C GLU C 94 7.37 2.28 9.98
N VAL C 95 7.50 3.40 9.27
CA VAL C 95 8.32 4.55 9.79
C VAL C 95 7.65 5.08 11.05
N ALA C 96 6.34 5.22 11.06
CA ALA C 96 5.62 5.72 12.25
C ALA C 96 5.85 4.77 13.42
N LYS C 97 5.82 3.46 13.18
CA LYS C 97 6.05 2.48 14.26
C LYS C 97 7.48 2.63 14.82
N GLU C 98 8.46 2.73 13.93
CA GLU C 98 9.89 2.85 14.31
C GLU C 98 10.15 4.13 15.08
N VAL C 99 9.61 5.27 14.61
CA VAL C 99 9.74 6.54 15.37
C VAL C 99 9.15 6.40 16.78
N THR C 100 7.97 5.78 16.91
CA THR C 100 7.26 5.60 18.20
C THR C 100 8.13 4.71 19.12
N ARG C 101 8.61 3.61 18.58
CA ARG C 101 9.44 2.63 19.34
C ARG C 101 10.68 3.35 19.90
N LEU C 102 11.31 4.19 19.09
CA LEU C 102 12.59 4.84 19.51
C LEU C 102 12.35 5.89 20.60
N GLY C 103 11.14 6.44 20.73
CA GLY C 103 10.84 7.43 21.78
C GLY C 103 11.45 8.81 21.45
N VAL C 104 11.88 9.03 20.21
CA VAL C 104 12.43 10.35 19.73
C VAL C 104 11.35 11.46 19.75
N ASN C 105 11.79 12.72 19.92
CA ASN C 105 10.89 13.91 19.88
C ASN C 105 10.90 14.54 18.49
N SER C 106 11.72 14.05 17.57
CA SER C 106 11.82 14.61 16.22
C SER C 106 12.45 13.60 15.27
N VAL C 107 12.14 13.78 13.99
CA VAL C 107 12.57 12.91 12.87
C VAL C 107 12.67 13.73 11.58
N ALA C 108 13.75 13.49 10.84
CA ALA C 108 14.02 14.02 9.50
C ALA C 108 13.57 12.96 8.51
N ILE C 109 12.67 13.34 7.59
N ILE C 109 12.73 13.33 7.53
CA ILE C 109 12.05 12.40 6.61
CA ILE C 109 12.09 12.35 6.62
C ILE C 109 12.18 12.97 5.20
C ILE C 109 12.06 12.92 5.21
N PRO C 110 12.49 12.13 4.19
CA PRO C 110 12.35 12.51 2.78
C PRO C 110 11.01 11.98 2.25
N LEU C 111 10.57 12.45 1.08
CA LEU C 111 9.35 11.89 0.43
C LEU C 111 9.74 10.60 -0.31
N LEU C 112 9.29 9.48 0.24
CA LEU C 112 9.58 8.14 -0.32
C LEU C 112 8.99 8.02 -1.73
N SER C 113 9.73 7.31 -2.59
CA SER C 113 9.30 6.92 -3.94
C SER C 113 9.12 8.16 -4.82
N THR C 114 9.82 9.27 -4.59
CA THR C 114 9.67 10.49 -5.43
C THR C 114 10.88 10.77 -6.35
N GLY C 115 11.99 10.05 -6.22
CA GLY C 115 13.18 10.29 -7.05
C GLY C 115 13.31 9.17 -8.09
N VAL C 116 14.40 8.41 -8.05
CA VAL C 116 14.65 7.32 -9.02
C VAL C 116 13.55 6.25 -8.89
N TYR C 117 12.86 6.15 -7.75
CA TYR C 117 11.78 5.15 -7.54
C TYR C 117 10.41 5.70 -7.99
N SER C 118 10.35 6.88 -8.61
CA SER C 118 9.08 7.52 -9.03
C SER C 118 8.52 6.92 -10.33
N GLY C 119 9.33 6.14 -11.07
CA GLY C 119 8.94 5.67 -12.41
C GLY C 119 8.66 6.81 -13.36
N GLY C 120 9.28 7.97 -13.14
CA GLY C 120 9.20 9.15 -14.02
C GLY C 120 7.95 10.00 -13.80
N LYS C 121 7.18 9.77 -12.74
CA LYS C 121 5.91 10.51 -12.48
C LYS C 121 6.13 11.45 -11.29
N ASP C 122 5.39 12.56 -11.26
CA ASP C 122 5.39 13.52 -10.13
C ASP C 122 4.56 12.89 -8.99
N ARG C 123 5.21 12.50 -7.89
CA ARG C 123 4.51 11.81 -6.77
C ARG C 123 4.50 12.62 -5.46
N LEU C 124 4.66 13.95 -5.54
CA LEU C 124 4.71 14.81 -4.34
C LEU C 124 3.44 14.61 -3.50
N THR C 125 2.26 14.83 -4.09
CA THR C 125 0.97 14.77 -3.37
C THR C 125 0.75 13.35 -2.86
N GLN C 126 1.00 12.34 -3.70
CA GLN C 126 0.76 10.93 -3.30
C GLN C 126 1.65 10.55 -2.09
N SER C 127 2.94 10.83 -2.19
CA SER C 127 3.93 10.50 -1.14
C SER C 127 3.62 11.30 0.14
N LEU C 128 3.33 12.60 0.01
CA LEU C 128 3.03 13.45 1.19
C LEU C 128 1.73 13.01 1.86
N ASN C 129 0.70 12.66 1.08
CA ASN C 129 -0.57 12.14 1.65
C ASN C 129 -0.30 10.89 2.50
N HIS C 130 0.49 9.93 2.00
CA HIS C 130 0.82 8.72 2.78
C HIS C 130 1.63 9.09 4.02
N LEU C 131 2.54 10.06 3.92
CA LEU C 131 3.37 10.51 5.05
C LEU C 131 2.42 11.02 6.14
N PHE C 132 1.49 11.92 5.82
CA PHE C 132 0.57 12.48 6.84
C PHE C 132 -0.31 11.37 7.40
N THR C 133 -0.82 10.45 6.57
CA THR C 133 -1.71 9.36 7.05
C THR C 133 -1.00 8.57 8.15
N ALA C 134 0.30 8.31 7.98
CA ALA C 134 1.08 7.51 8.95
C ALA C 134 1.51 8.37 10.13
N MET C 135 1.96 9.61 9.92
CA MET C 135 2.65 10.37 11.00
C MET C 135 1.68 11.26 11.80
N ASP C 136 0.45 11.44 11.35
CA ASP C 136 -0.47 12.36 12.07
C ASP C 136 -0.70 11.90 13.51
N SER C 137 -0.72 10.58 13.75
CA SER C 137 -1.00 9.96 15.07
C SER C 137 0.24 9.96 15.98
N THR C 138 1.42 10.34 15.45
CA THR C 138 2.68 10.43 16.22
C THR C 138 2.82 11.81 16.85
N ASP C 139 3.61 11.90 17.93
CA ASP C 139 3.84 13.19 18.66
C ASP C 139 5.27 13.70 18.42
N ALA C 140 5.99 13.16 17.45
CA ALA C 140 7.33 13.67 17.10
C ALA C 140 7.21 14.91 16.24
N ASP C 141 8.09 15.87 16.41
CA ASP C 141 8.24 16.94 15.40
C ASP C 141 8.77 16.29 14.11
N VAL C 142 8.06 16.45 13.02
CA VAL C 142 8.45 15.90 11.70
C VAL C 142 9.00 17.01 10.82
N VAL C 143 10.21 16.83 10.31
CA VAL C 143 10.86 17.81 9.40
C VAL C 143 11.07 17.12 8.07
N ILE C 144 10.40 17.58 7.03
CA ILE C 144 10.49 16.96 5.69
C ILE C 144 11.60 17.65 4.94
N TYR C 145 12.49 16.90 4.30
CA TYR C 145 13.64 17.46 3.55
C TYR C 145 13.43 17.25 2.06
N CYS C 146 13.61 18.31 1.29
CA CYS C 146 13.50 18.28 -0.18
C CYS C 146 14.68 19.05 -0.76
N ARG C 147 14.83 19.00 -2.09
CA ARG C 147 15.93 19.68 -2.84
C ARG C 147 15.36 20.76 -3.74
N ASP C 148 14.18 20.54 -4.33
CA ASP C 148 13.61 21.44 -5.36
C ASP C 148 12.87 22.60 -4.71
N LYS C 149 13.10 23.82 -5.19
CA LYS C 149 12.37 25.02 -4.70
C LYS C 149 10.86 24.92 -4.96
N GLU C 150 10.40 24.42 -6.10
CA GLU C 150 8.94 24.33 -6.39
C GLU C 150 8.28 23.31 -5.42
N TRP C 151 8.98 22.22 -5.14
CA TRP C 151 8.53 21.17 -4.18
C TRP C 151 8.47 21.77 -2.76
N GLU C 152 9.48 22.52 -2.34
CA GLU C 152 9.43 23.19 -1.02
C GLU C 152 8.14 24.02 -0.89
N LYS C 153 7.81 24.83 -1.89
CA LYS C 153 6.60 25.70 -1.81
C LYS C 153 5.32 24.84 -1.73
N LYS C 154 5.20 23.79 -2.53
CA LYS C 154 3.99 22.94 -2.55
C LYS C 154 3.86 22.18 -1.22
N ILE C 155 4.97 21.64 -0.68
CA ILE C 155 4.90 20.95 0.64
C ILE C 155 4.51 21.95 1.72
N SER C 156 5.13 23.13 1.70
CA SER C 156 4.83 24.19 2.69
C SER C 156 3.34 24.53 2.68
N GLU C 157 2.77 24.71 1.48
CA GLU C 157 1.34 25.04 1.26
C GLU C 157 0.47 23.92 1.87
N ALA C 158 0.79 22.66 1.54
CA ALA C 158 0.08 21.47 2.04
C ALA C 158 0.05 21.44 3.57
N ILE C 159 1.15 21.78 4.25
CA ILE C 159 1.24 21.75 5.73
C ILE C 159 0.34 22.88 6.27
N GLN C 160 0.45 24.06 5.66
CA GLN C 160 -0.27 25.27 6.15
C GLN C 160 -1.79 25.12 5.97
N MET C 161 -2.22 24.47 4.88
CA MET C 161 -3.65 24.25 4.53
C MET C 161 -4.40 23.57 5.68
N ARG C 162 -3.69 22.81 6.53
CA ARG C 162 -4.28 21.97 7.62
C ARG C 162 -4.16 22.69 8.97
N THR C 163 -3.58 23.91 8.99
CA THR C 163 -3.49 24.79 10.18
C THR C 163 -4.37 26.02 9.94
N PRO D 5 -17.12 9.18 42.58
CA PRO D 5 -17.90 9.56 41.40
C PRO D 5 -19.00 8.55 41.03
N SER D 6 -19.96 9.00 40.20
N SER D 6 -20.04 9.02 40.31
CA SER D 6 -21.12 8.24 39.67
CA SER D 6 -21.10 8.19 39.69
C SER D 6 -20.97 8.06 38.16
C SER D 6 -20.75 7.98 38.21
N TYR D 7 -21.13 6.83 37.65
CA TYR D 7 -20.90 6.50 36.22
C TYR D 7 -22.23 6.17 35.57
N ARG D 8 -22.43 6.71 34.35
CA ARG D 8 -23.55 6.38 33.44
C ARG D 8 -22.98 6.20 32.04
N VAL D 9 -23.73 5.55 31.17
CA VAL D 9 -23.40 5.42 29.73
C VAL D 9 -24.60 5.89 28.93
N LYS D 10 -24.34 6.57 27.80
CA LYS D 10 -25.36 6.95 26.82
C LYS D 10 -24.84 6.54 25.45
N ARG D 11 -25.69 5.92 24.65
CA ARG D 11 -25.45 5.70 23.20
C ARG D 11 -25.97 6.95 22.49
N MET D 12 -25.08 7.91 22.23
CA MET D 12 -25.42 9.18 21.53
C MET D 12 -24.13 9.96 21.26
N ASP D 13 -24.20 10.90 20.32
CA ASP D 13 -23.05 11.74 19.89
C ASP D 13 -22.60 12.58 21.10
N ILE D 14 -21.34 12.43 21.48
CA ILE D 14 -20.76 13.19 22.63
C ILE D 14 -20.80 14.70 22.32
N ALA D 15 -20.93 15.08 21.04
CA ALA D 15 -21.05 16.51 20.63
C ALA D 15 -22.40 17.07 21.10
N LYS D 16 -23.33 16.22 21.56
CA LYS D 16 -24.63 16.68 22.13
C LYS D 16 -24.76 16.28 23.60
N ASN D 17 -23.66 16.21 24.34
CA ASN D 17 -23.69 15.81 25.76
C ASN D 17 -24.43 16.85 26.61
N ASP D 18 -24.87 16.42 27.79
CA ASP D 18 -25.58 17.23 28.82
C ASP D 18 -24.67 17.45 30.04
N GLU D 19 -23.35 17.45 29.89
CA GLU D 19 -22.43 17.63 31.03
C GLU D 19 -21.70 18.98 30.94
N GLU D 20 -21.02 19.37 32.02
CA GLU D 20 -20.37 20.70 32.16
C GLU D 20 -19.08 20.80 31.33
N CYS D 21 -18.52 19.69 30.86
CA CYS D 21 -17.32 19.71 30.00
C CYS D 21 -17.25 18.42 29.20
N VAL D 22 -16.35 18.40 28.22
CA VAL D 22 -16.22 17.24 27.31
C VAL D 22 -14.75 16.87 27.21
N VAL D 23 -14.50 15.56 27.12
CA VAL D 23 -13.17 15.02 26.74
C VAL D 23 -13.19 14.65 25.26
N ASN D 24 -12.27 15.26 24.51
CA ASN D 24 -12.02 14.93 23.10
C ASN D 24 -11.07 13.73 23.03
N ALA D 25 -11.36 12.75 22.19
CA ALA D 25 -10.40 11.69 21.78
C ALA D 25 -9.50 12.29 20.69
N ALA D 26 -8.51 13.06 21.12
CA ALA D 26 -7.74 13.97 20.26
C ALA D 26 -6.58 13.24 19.57
N ASN D 27 -6.06 13.84 18.53
CA ASN D 27 -4.73 13.49 17.98
C ASN D 27 -3.69 14.46 18.52
N PRO D 28 -2.39 14.10 18.47
CA PRO D 28 -1.38 14.92 19.12
C PRO D 28 -1.15 16.26 18.42
N ARG D 29 -1.63 16.41 17.19
CA ARG D 29 -1.31 17.61 16.34
C ARG D 29 -2.41 18.66 16.43
N GLY D 30 -3.52 18.38 17.10
CA GLY D 30 -4.70 19.26 17.12
C GLY D 30 -5.37 19.39 15.77
N LEU D 31 -5.33 18.34 14.95
CA LEU D 31 -6.03 18.28 13.64
C LEU D 31 -7.49 17.90 13.85
N PRO D 32 -8.39 18.27 12.90
CA PRO D 32 -9.80 17.90 12.94
C PRO D 32 -10.07 16.39 13.09
N GLY D 33 -9.26 15.56 12.41
CA GLY D 33 -9.29 14.09 12.57
C GLY D 33 -10.56 13.46 12.05
N ASP D 34 -10.99 12.36 12.65
CA ASP D 34 -12.21 11.58 12.27
C ASP D 34 -12.93 11.13 13.55
N GLY D 35 -14.10 10.50 13.40
CA GLY D 35 -14.87 9.97 14.54
C GLY D 35 -15.20 11.05 15.55
N VAL D 36 -15.05 10.75 16.85
CA VAL D 36 -15.31 11.70 17.98
C VAL D 36 -14.60 13.05 17.73
N CYS D 37 -13.33 13.00 17.33
CA CYS D 37 -12.49 14.21 17.16
C CYS D 37 -13.15 15.14 16.14
N LYS D 38 -13.63 14.59 15.02
CA LYS D 38 -14.27 15.36 13.92
C LYS D 38 -15.56 16.01 14.43
N ALA D 39 -16.33 15.29 15.25
CA ALA D 39 -17.62 15.79 15.79
C ALA D 39 -17.37 16.92 16.80
N VAL D 40 -16.33 16.77 17.61
CA VAL D 40 -15.83 17.79 18.56
C VAL D 40 -15.36 19.00 17.74
N TYR D 41 -14.64 18.77 16.64
CA TYR D 41 -14.18 19.90 15.78
C TYR D 41 -15.37 20.72 15.23
N LYS D 42 -16.43 20.04 14.78
CA LYS D 42 -17.61 20.69 14.17
C LYS D 42 -18.40 21.47 15.24
N LYS D 43 -18.47 20.95 16.47
CA LYS D 43 -19.26 21.55 17.58
C LYS D 43 -18.47 22.66 18.28
N TRP D 44 -17.16 22.49 18.51
CA TRP D 44 -16.35 23.41 19.34
C TRP D 44 -15.04 23.74 18.61
N PRO D 45 -15.08 24.28 17.38
CA PRO D 45 -13.85 24.47 16.61
C PRO D 45 -12.89 25.45 17.29
N GLU D 46 -13.41 26.45 18.02
CA GLU D 46 -12.54 27.41 18.74
C GLU D 46 -11.64 26.70 19.74
N SER D 47 -12.02 25.51 20.23
CA SER D 47 -11.22 24.79 21.25
C SER D 47 -9.97 24.14 20.62
N PHE D 48 -9.80 24.20 19.30
CA PHE D 48 -8.59 23.62 18.65
C PHE D 48 -7.44 24.65 18.50
N LYS D 49 -7.60 25.85 19.06
CA LYS D 49 -6.50 26.84 19.11
C LYS D 49 -5.41 26.33 20.06
N ASN D 50 -4.23 25.98 19.53
CA ASN D 50 -3.09 25.48 20.34
C ASN D 50 -3.53 24.29 21.22
N SER D 51 -4.28 23.35 20.65
CA SER D 51 -4.70 22.10 21.35
C SER D 51 -3.68 20.97 21.19
N ALA D 52 -2.68 21.11 20.31
CA ALA D 52 -1.64 20.07 20.09
C ALA D 52 -0.99 19.75 21.42
N THR D 53 -0.77 18.45 21.69
CA THR D 53 -0.18 18.01 22.97
C THR D 53 0.30 16.58 22.76
N PRO D 54 1.30 16.13 23.52
CA PRO D 54 1.85 14.81 23.27
C PRO D 54 0.88 13.68 23.65
N VAL D 55 1.22 12.49 23.15
CA VAL D 55 0.57 11.21 23.58
C VAL D 55 0.67 11.08 25.10
N GLY D 56 -0.41 10.63 25.73
CA GLY D 56 -0.47 10.43 27.19
C GLY D 56 -0.76 11.68 27.99
N THR D 57 -1.12 12.79 27.33
CA THR D 57 -1.38 14.07 28.02
C THR D 57 -2.80 14.55 27.69
N ALA D 58 -3.24 15.53 28.48
CA ALA D 58 -4.54 16.19 28.27
C ALA D 58 -4.28 17.71 28.25
N LYS D 59 -4.95 18.41 27.36
CA LYS D 59 -4.81 19.89 27.30
C LYS D 59 -6.21 20.48 27.16
N THR D 60 -6.59 21.31 28.11
CA THR D 60 -7.94 21.93 28.17
C THR D 60 -7.91 23.27 27.42
N VAL D 61 -8.77 23.40 26.43
CA VAL D 61 -9.01 24.71 25.73
C VAL D 61 -10.50 25.02 25.85
N MET D 62 -10.81 26.27 26.21
CA MET D 62 -12.21 26.74 26.32
C MET D 62 -12.78 27.04 24.94
N CYS D 63 -14.05 26.69 24.74
CA CYS D 63 -14.88 27.20 23.62
C CYS D 63 -15.94 28.07 24.27
N GLY D 64 -15.74 29.39 24.23
CA GLY D 64 -16.52 30.28 25.11
C GLY D 64 -16.12 30.04 26.55
N THR D 65 -17.02 29.51 27.39
CA THR D 65 -16.72 29.11 28.78
C THR D 65 -16.81 27.58 28.93
N TYR D 66 -17.03 26.83 27.85
CA TYR D 66 -17.24 25.37 27.85
C TYR D 66 -15.88 24.70 27.68
N PRO D 67 -15.37 23.94 28.69
CA PRO D 67 -14.05 23.34 28.60
C PRO D 67 -14.07 22.10 27.70
N VAL D 68 -13.12 22.04 26.78
CA VAL D 68 -12.86 20.84 25.95
C VAL D 68 -11.48 20.31 26.40
N ILE D 69 -11.45 19.11 26.96
CA ILE D 69 -10.25 18.48 27.53
C ILE D 69 -9.72 17.56 26.43
N HIS D 70 -8.74 18.03 25.65
CA HIS D 70 -8.19 17.23 24.55
C HIS D 70 -7.26 16.16 25.15
N ALA D 71 -7.65 14.89 25.09
CA ALA D 71 -6.89 13.78 25.70
C ALA D 71 -6.32 12.92 24.57
N VAL D 72 -5.00 12.71 24.57
CA VAL D 72 -4.33 12.01 23.43
C VAL D 72 -3.99 10.57 23.85
N GLY D 73 -4.87 9.65 23.50
CA GLY D 73 -4.58 8.23 23.76
C GLY D 73 -3.59 7.75 22.71
N PRO D 74 -2.86 6.65 22.98
CA PRO D 74 -1.93 6.13 22.01
C PRO D 74 -2.64 5.45 20.84
N ASN D 75 -2.02 5.52 19.68
CA ASN D 75 -2.38 4.71 18.49
C ASN D 75 -1.68 3.35 18.57
N PHE D 76 -2.42 2.27 18.84
CA PHE D 76 -1.83 0.91 19.02
C PHE D 76 -1.34 0.35 17.67
N SER D 77 -1.63 0.97 16.54
CA SER D 77 -0.89 0.72 15.28
C SER D 77 0.61 1.05 15.43
N ASN D 78 0.96 2.01 16.28
CA ASN D 78 2.32 2.56 16.38
C ASN D 78 3.02 2.04 17.63
N TYR D 79 2.29 1.87 18.74
CA TYR D 79 2.82 1.50 20.06
C TYR D 79 2.73 -0.04 20.20
N THR D 80 3.69 -0.61 20.91
CA THR D 80 3.57 -1.99 21.45
C THR D 80 2.44 -2.05 22.46
N GLU D 81 1.92 -3.26 22.70
CA GLU D 81 0.91 -3.42 23.78
C GLU D 81 1.42 -2.85 25.09
N SER D 82 2.67 -3.14 25.47
CA SER D 82 3.24 -2.73 26.77
C SER D 82 3.29 -1.18 26.82
N GLU D 83 3.93 -0.54 25.85
CA GLU D 83 4.18 0.93 25.94
C GLU D 83 2.82 1.67 25.78
N GLY D 84 1.92 1.16 24.95
CA GLY D 84 0.58 1.78 24.75
C GLY D 84 -0.27 1.70 25.99
N ASP D 85 -0.24 0.57 26.69
CA ASP D 85 -1.02 0.44 27.94
C ASP D 85 -0.64 1.55 28.92
N ARG D 86 0.66 1.82 29.04
CA ARG D 86 1.19 2.85 29.97
C ARG D 86 0.65 4.22 29.52
N GLU D 87 0.69 4.51 28.21
CA GLU D 87 0.27 5.85 27.69
C GLU D 87 -1.26 5.99 27.80
N LEU D 88 -2.02 4.91 27.70
CA LEU D 88 -3.50 4.97 27.79
C LEU D 88 -3.84 5.28 29.24
N ALA D 89 -3.17 4.64 30.20
CA ALA D 89 -3.32 4.93 31.64
C ALA D 89 -3.01 6.42 31.92
N ALA D 90 -1.94 6.93 31.31
CA ALA D 90 -1.44 8.32 31.53
C ALA D 90 -2.46 9.32 30.98
N ALA D 91 -3.01 9.08 29.80
CA ALA D 91 -3.99 10.00 29.19
C ALA D 91 -5.18 10.16 30.15
N TYR D 92 -5.72 9.06 30.66
CA TYR D 92 -6.88 9.16 31.59
C TYR D 92 -6.50 9.81 32.92
N ARG D 93 -5.32 9.52 33.46
CA ARG D 93 -4.77 10.18 34.67
C ARG D 93 -4.80 11.70 34.47
N GLU D 94 -4.30 12.17 33.32
CA GLU D 94 -4.24 13.62 33.02
C GLU D 94 -5.66 14.21 32.83
N VAL D 95 -6.60 13.45 32.27
CA VAL D 95 -8.04 13.87 32.18
C VAL D 95 -8.57 14.08 33.61
N ALA D 96 -8.33 13.13 34.52
CA ALA D 96 -8.87 13.20 35.90
C ALA D 96 -8.33 14.46 36.59
N LYS D 97 -7.03 14.75 36.40
CA LYS D 97 -6.36 15.92 37.01
C LYS D 97 -7.03 17.22 36.48
N GLU D 98 -7.33 17.28 35.18
CA GLU D 98 -8.03 18.47 34.59
C GLU D 98 -9.46 18.60 35.14
N VAL D 99 -10.20 17.50 35.26
CA VAL D 99 -11.61 17.52 35.76
C VAL D 99 -11.62 18.10 37.19
N THR D 100 -10.68 17.66 38.04
CA THR D 100 -10.54 18.11 39.45
C THR D 100 -10.21 19.61 39.43
N ARG D 101 -9.18 20.00 38.67
CA ARG D 101 -8.66 21.39 38.60
C ARG D 101 -9.78 22.34 38.18
N LEU D 102 -10.62 21.92 37.23
CA LEU D 102 -11.72 22.76 36.67
C LEU D 102 -12.87 22.88 37.67
N GLY D 103 -13.00 21.95 38.61
CA GLY D 103 -14.05 21.97 39.64
C GLY D 103 -15.43 21.71 39.08
N VAL D 104 -15.53 21.03 37.94
CA VAL D 104 -16.81 20.73 37.29
C VAL D 104 -17.58 19.69 38.12
N ASN D 105 -18.90 19.66 37.96
CA ASN D 105 -19.78 18.67 38.61
C ASN D 105 -19.92 17.42 37.72
N SER D 106 -19.71 17.56 36.40
CA SER D 106 -19.99 16.48 35.43
C SER D 106 -19.02 16.58 34.25
N VAL D 107 -18.77 15.44 33.60
CA VAL D 107 -17.87 15.32 32.42
C VAL D 107 -18.41 14.23 31.52
N ALA D 108 -18.45 14.52 30.22
CA ALA D 108 -18.73 13.62 29.10
C ALA D 108 -17.38 13.07 28.61
N ILE D 109 -17.26 11.74 28.50
N ILE D 109 -17.23 11.73 28.60
CA ILE D 109 -15.97 11.09 28.18
CA ILE D 109 -15.97 11.05 28.19
C ILE D 109 -16.19 9.91 27.23
C ILE D 109 -16.26 9.97 27.15
N PRO D 110 -15.40 9.83 26.13
CA PRO D 110 -15.43 8.67 25.25
C PRO D 110 -14.39 7.65 25.70
N LEU D 111 -14.42 6.45 25.14
CA LEU D 111 -13.40 5.40 25.45
C LEU D 111 -12.20 5.61 24.53
N LEU D 112 -11.12 6.15 25.09
CA LEU D 112 -9.92 6.50 24.33
C LEU D 112 -9.32 5.24 23.71
N SER D 113 -8.79 5.39 22.51
CA SER D 113 -7.97 4.36 21.80
C SER D 113 -8.83 3.14 21.43
N THR D 114 -10.16 3.27 21.34
CA THR D 114 -11.05 2.12 20.96
C THR D 114 -11.56 2.18 19.52
N GLY D 115 -11.35 3.29 18.80
CA GLY D 115 -11.69 3.41 17.37
C GLY D 115 -10.47 3.20 16.47
N VAL D 116 -10.16 4.19 15.63
CA VAL D 116 -9.06 4.06 14.62
C VAL D 116 -7.68 3.98 15.32
N TYR D 117 -7.59 4.24 16.63
CA TYR D 117 -6.31 4.09 17.39
C TYR D 117 -6.25 2.70 18.06
N SER D 118 -7.22 1.80 17.79
CA SER D 118 -7.29 0.48 18.47
C SER D 118 -6.31 -0.53 17.90
N GLY D 119 -5.71 -0.30 16.73
CA GLY D 119 -4.82 -1.25 16.06
C GLY D 119 -5.58 -2.51 15.63
N GLY D 120 -6.89 -2.38 15.36
CA GLY D 120 -7.75 -3.48 14.88
C GLY D 120 -8.26 -4.39 15.99
N LYS D 121 -8.00 -4.07 17.27
CA LYS D 121 -8.30 -4.92 18.45
C LYS D 121 -9.49 -4.33 19.21
N ASP D 122 -10.29 -5.20 19.83
CA ASP D 122 -11.40 -4.79 20.74
C ASP D 122 -10.78 -4.38 22.07
N ARG D 123 -10.84 -3.08 22.39
CA ARG D 123 -10.22 -2.49 23.60
C ARG D 123 -11.23 -1.92 24.61
N LEU D 124 -12.49 -2.37 24.55
CA LEU D 124 -13.56 -1.90 25.45
C LEU D 124 -13.13 -2.07 26.92
N THR D 125 -12.84 -3.30 27.37
CA THR D 125 -12.49 -3.58 28.79
C THR D 125 -11.20 -2.84 29.16
N GLN D 126 -10.18 -2.87 28.29
CA GLN D 126 -8.88 -2.21 28.63
C GLN D 126 -9.10 -0.70 28.85
N SER D 127 -9.72 -0.05 27.88
CA SER D 127 -9.97 1.43 27.95
C SER D 127 -10.88 1.77 29.15
N LEU D 128 -11.98 1.04 29.34
CA LEU D 128 -12.91 1.29 30.47
C LEU D 128 -12.22 1.11 31.82
N ASN D 129 -11.32 0.12 31.94
CA ASN D 129 -10.58 -0.17 33.20
C ASN D 129 -9.70 1.04 33.56
N HIS D 130 -8.95 1.56 32.60
CA HIS D 130 -8.09 2.76 32.80
C HIS D 130 -8.96 3.98 33.15
N LEU D 131 -10.11 4.14 32.47
CA LEU D 131 -11.10 5.22 32.76
C LEU D 131 -11.52 5.13 34.25
N PHE D 132 -11.98 3.97 34.73
CA PHE D 132 -12.48 3.85 36.13
C PHE D 132 -11.35 4.18 37.09
N THR D 133 -10.16 3.62 36.83
CA THR D 133 -9.00 3.81 37.73
C THR D 133 -8.69 5.29 37.92
N ALA D 134 -8.67 6.05 36.83
CA ALA D 134 -8.32 7.49 36.90
C ALA D 134 -9.49 8.26 37.52
N MET D 135 -10.70 8.00 37.05
CA MET D 135 -11.87 8.89 37.30
C MET D 135 -12.39 8.62 38.72
N ASP D 136 -12.11 7.44 39.30
CA ASP D 136 -12.49 7.14 40.71
C ASP D 136 -11.86 8.16 41.67
N SER D 137 -10.78 8.83 41.27
CA SER D 137 -10.07 9.81 42.14
C SER D 137 -10.76 11.17 42.08
N THR D 138 -11.79 11.36 41.23
CA THR D 138 -12.60 12.61 41.15
C THR D 138 -13.92 12.45 41.92
N ASP D 139 -14.69 13.53 42.09
CA ASP D 139 -16.05 13.40 42.68
C ASP D 139 -17.10 13.86 41.65
N ALA D 140 -16.77 13.86 40.36
CA ALA D 140 -17.68 14.27 39.27
C ALA D 140 -18.58 13.11 38.85
N ASP D 141 -19.78 13.44 38.39
CA ASP D 141 -20.64 12.56 37.58
C ASP D 141 -19.92 12.35 36.24
N VAL D 142 -19.61 11.10 35.92
CA VAL D 142 -18.95 10.72 34.63
C VAL D 142 -20.01 10.09 33.76
N VAL D 143 -20.19 10.64 32.58
CA VAL D 143 -21.10 10.07 31.55
C VAL D 143 -20.26 9.64 30.35
N ILE D 144 -20.24 8.34 30.12
CA ILE D 144 -19.51 7.69 29.01
C ILE D 144 -20.39 7.68 27.78
N TYR D 145 -19.85 8.10 26.64
CA TYR D 145 -20.58 8.16 25.34
C TYR D 145 -20.04 7.06 24.42
N CYS D 146 -20.91 6.24 23.84
CA CYS D 146 -20.57 5.18 22.84
C CYS D 146 -21.56 5.26 21.68
N ARG D 147 -21.30 4.52 20.60
CA ARG D 147 -22.12 4.48 19.36
C ARG D 147 -22.86 3.15 19.24
N ASP D 148 -22.21 2.04 19.60
CA ASP D 148 -22.69 0.66 19.32
C ASP D 148 -23.57 0.17 20.47
N LYS D 149 -24.70 -0.46 20.16
CA LYS D 149 -25.68 -1.00 21.15
C LYS D 149 -25.02 -2.11 21.98
N GLU D 150 -24.23 -2.98 21.34
CA GLU D 150 -23.53 -4.07 22.05
C GLU D 150 -22.52 -3.44 23.04
N TRP D 151 -21.81 -2.39 22.62
CA TRP D 151 -20.87 -1.67 23.53
C TRP D 151 -21.63 -0.98 24.66
N GLU D 152 -22.76 -0.33 24.36
CA GLU D 152 -23.62 0.29 25.40
C GLU D 152 -23.93 -0.74 26.50
N LYS D 153 -24.36 -1.93 26.10
CA LYS D 153 -24.76 -3.02 27.04
C LYS D 153 -23.56 -3.43 27.89
N LYS D 154 -22.42 -3.69 27.24
CA LYS D 154 -21.17 -4.12 27.93
C LYS D 154 -20.69 -3.03 28.91
N ILE D 155 -20.68 -1.76 28.49
CA ILE D 155 -20.23 -0.66 29.41
C ILE D 155 -21.17 -0.59 30.62
N SER D 156 -22.48 -0.68 30.39
CA SER D 156 -23.52 -0.61 31.46
C SER D 156 -23.33 -1.75 32.46
N GLU D 157 -23.14 -2.98 31.97
CA GLU D 157 -22.86 -4.18 32.80
C GLU D 157 -21.61 -3.93 33.65
N ALA D 158 -20.55 -3.37 33.05
CA ALA D 158 -19.27 -3.10 33.76
C ALA D 158 -19.51 -2.11 34.91
N ILE D 159 -20.32 -1.07 34.66
CA ILE D 159 -20.69 -0.08 35.72
C ILE D 159 -21.45 -0.80 36.84
N GLN D 160 -22.43 -1.63 36.47
CA GLN D 160 -23.31 -2.37 37.41
C GLN D 160 -22.46 -3.27 38.33
N MET D 161 -21.46 -3.95 37.77
CA MET D 161 -20.67 -4.99 38.49
C MET D 161 -19.78 -4.36 39.58
N ARG D 162 -19.41 -3.09 39.43
CA ARG D 162 -18.53 -2.36 40.41
C ARG D 162 -19.32 -2.02 41.67
N THR D 163 -20.65 -2.05 41.60
CA THR D 163 -21.57 -1.82 42.74
C THR D 163 -21.74 -3.15 43.50
S DMS E . -4.51 -7.87 -1.28
O DMS E . -5.07 -6.48 -0.88
C1 DMS E . -5.12 -8.23 -2.84
C2 DMS E . -5.47 -9.07 -0.37
S DMS F . -22.09 -8.58 -10.72
O DMS F . -21.02 -8.62 -9.67
C1 DMS F . -22.70 -6.90 -10.74
C2 DMS F . -23.52 -9.33 -9.98
S DMS G . -18.23 -14.52 -20.89
O DMS G . -18.55 -13.04 -20.85
C1 DMS G . -17.37 -14.80 -22.42
C2 DMS G . -19.75 -15.34 -21.33
C TRS H . -31.01 6.57 -12.94
C1 TRS H . -29.81 6.84 -13.84
C2 TRS H . -30.61 6.69 -11.46
C3 TRS H . -32.16 7.52 -13.26
N TRS H . -31.46 5.16 -13.17
O1 TRS H . -30.10 6.55 -15.21
O2 TRS H . -31.30 7.75 -10.81
O3 TRS H . -33.19 7.46 -12.28
S DMS I . -13.33 10.91 -4.69
O DMS I . -12.77 10.91 -6.08
C1 DMS I . -13.63 9.24 -4.27
C2 DMS I . -15.04 11.39 -4.84
S DMS J . -18.86 -8.80 -16.54
O DMS J . -18.70 -7.40 -15.99
C1 DMS J . -18.38 -9.90 -15.23
C2 DMS J . -17.45 -9.07 -17.61
S DMS K . -5.85 -5.19 -28.47
O DMS K . -4.97 -4.45 -27.55
C1 DMS K . -4.93 -6.65 -28.95
C2 DMS K . -5.88 -4.30 -30.01
CL CL L . -22.22 -8.37 -15.31
CL CL M . -15.11 -12.26 -21.08
CL CL N . -4.98 -13.39 -14.54
O1 DBJ O . -15.21 -14.03 -14.20
C2 DBJ O . -15.27 -12.64 -14.43
C3 DBJ O . -14.04 -11.93 -13.89
C4 DBJ O . -13.34 -11.03 -14.68
O5 DBJ O . -13.76 -10.84 -15.97
C5 DBJ O . -13.22 -9.71 -16.66
C7 DBJ O . -11.77 -9.53 -16.34
O8 DBJ O . -11.55 -9.41 -14.91
C9 DBJ O . -12.24 -10.34 -14.17
C10 DBJ O . -11.82 -10.55 -12.86
C11 DBJ O . -12.51 -11.47 -12.08
C12 DBJ O . -13.61 -12.15 -12.59
O1 DBJ P . -7.32 -17.31 -16.28
C2 DBJ P . -7.26 -16.04 -16.93
C3 DBJ P . -8.15 -15.02 -16.27
C4 DBJ P . -8.46 -15.09 -14.91
O5 DBJ P . -7.94 -16.13 -14.20
C5 DBJ P . -8.52 -16.34 -12.90
C7 DBJ P . -8.75 -15.05 -12.21
O8 DBJ P . -9.60 -14.18 -12.97
C9 DBJ P . -9.29 -14.14 -14.31
C10 DBJ P . -9.83 -13.10 -15.07
C11 DBJ P . -9.52 -13.03 -16.41
C12 DBJ P . -8.69 -13.97 -17.01
S DMS Q . 12.68 -22.74 -7.60
O DMS Q . 13.00 -22.12 -8.95
C1 DMS Q . 11.23 -21.93 -7.03
C2 DMS Q . 13.81 -22.00 -6.44
S DMS R . 7.48 -24.81 -10.98
O DMS R . 6.49 -24.26 -11.95
C1 DMS R . 8.96 -25.10 -11.91
C2 DMS R . 6.96 -26.50 -10.85
S DMS S . 15.70 -24.95 -1.17
O DMS S . 15.81 -24.70 -2.65
C1 DMS S . 17.06 -24.11 -0.38
C2 DMS S . 16.24 -26.62 -0.89
CL CL T . 16.58 -20.77 -2.37
CL CL U . 12.17 -25.81 -9.58
O1 DBJ V . 10.00 -21.03 -2.91
C2 DBJ V . 11.18 -20.46 -3.46
C3 DBJ V . 10.94 -19.06 -3.99
C4 DBJ V . 12.01 -18.31 -4.48
O5 DBJ V . 13.23 -18.92 -4.50
C5 DBJ V . 14.32 -18.14 -5.06
C7 DBJ V . 14.15 -16.68 -4.86
O8 DBJ V . 12.88 -16.21 -5.32
C9 DBJ V . 11.83 -16.99 -4.91
C10 DBJ V . 10.57 -16.42 -4.87
C11 DBJ V . 9.50 -17.16 -4.41
C12 DBJ V . 9.69 -18.46 -3.97
CL CL W . 11.61 -7.24 -1.11
CL CL X . 13.31 7.44 -4.44
S DMS Y . 31.52 11.87 7.45
O DMS Y . 30.74 10.69 8.00
C1 DMS Y . 30.38 13.13 7.04
C2 DMS Y . 32.06 11.45 5.80
S DMS Z . 17.08 4.45 -4.07
O DMS Z . 16.12 4.30 -2.92
C1 DMS Z . 18.63 3.80 -3.50
C2 DMS Z . 17.53 6.16 -4.13
S DMS AA . -3.83 2.29 1.87
O DMS AA . -3.26 1.93 0.52
C1 DMS AA . -3.40 0.96 2.96
C2 DMS AA . -5.57 1.98 1.80
O1 DBJ BA . 17.86 14.82 -4.52
C2 DBJ BA . 18.17 13.75 -3.65
C3 DBJ BA . 18.84 14.20 -2.37
C4 DBJ BA . 18.10 14.85 -1.38
O5 DBJ BA . 16.81 15.20 -1.68
C5 DBJ BA . 16.00 15.55 -0.54
C7 DBJ BA . 16.77 16.41 0.41
O8 DBJ BA . 17.96 15.74 0.87
C9 DBJ BA . 18.68 15.15 -0.14
C10 DBJ BA . 20.01 14.84 0.11
C11 DBJ BA . 20.75 14.22 -0.90
C12 DBJ BA . 20.16 13.91 -2.11
O1 DBJ CA . 19.89 23.72 -0.24
C2 DBJ CA . 20.81 22.99 -1.05
C3 DBJ CA . 20.44 21.53 -1.15
C4 DBJ CA . 21.39 20.57 -1.49
O5 DBJ CA . 22.65 21.03 -1.79
C5 DBJ CA . 23.54 20.06 -2.36
C7 DBJ CA . 23.35 18.70 -1.75
O8 DBJ CA . 22.00 18.25 -1.86
C9 DBJ CA . 21.07 19.21 -1.53
C10 DBJ CA . 19.78 18.80 -1.24
C11 DBJ CA . 18.83 19.75 -0.90
C12 DBJ CA . 19.15 21.09 -0.86
S DMS DA . -13.35 6.24 19.60
O DMS DA . -13.91 6.99 18.41
C1 DMS DA . -14.68 6.14 20.78
C2 DMS DA . -12.33 7.39 20.48
C TRS EA . 4.81 11.17 27.76
C1 TRS EA . 6.34 11.22 27.67
C2 TRS EA . 4.39 10.22 28.88
C3 TRS EA . 4.23 12.58 27.98
N TRS EA . 4.29 10.64 26.44
O1 TRS EA . 6.85 10.02 27.11
O2 TRS EA . 2.98 10.18 29.07
O3 TRS EA . 5.05 13.61 27.48
S DMS FA . -22.45 24.29 15.62
O DMS FA . -22.77 23.00 16.31
C1 DMS FA . -21.87 23.87 14.00
C2 DMS FA . -20.94 24.90 16.32
S DMS GA . -8.43 10.04 16.00
O DMS GA . -8.70 11.51 15.80
C1 DMS GA . -9.99 9.23 15.81
C2 DMS GA . -8.21 9.79 17.74
S DMS HA . -7.66 26.47 30.86
O DMS HA . -8.69 25.56 31.48
C1 DMS HA . -8.08 26.63 29.15
C2 DMS HA . -6.18 25.51 30.67
CL CL IA . -18.83 2.41 20.33
CL CL JA . -9.64 6.15 18.85
O1 DBJ KA . -17.99 6.60 16.64
C2 DBJ KA . -17.47 7.88 16.36
C3 DBJ KA . -18.28 8.97 17.03
C4 DBJ KA . -18.73 8.85 18.34
O5 DBJ KA . -18.49 7.65 18.98
C5 DBJ KA . -18.58 7.69 20.41
C7 DBJ KA . -19.77 8.47 20.86
O8 DBJ KA . -19.85 9.79 20.27
C9 DBJ KA . -19.40 9.89 18.98
C10 DBJ KA . -19.65 11.07 18.29
C11 DBJ KA . -19.24 11.19 16.97
C12 DBJ KA . -18.55 10.16 16.35
O1 DBJ LA . -23.45 10.13 15.14
C2 DBJ LA . -24.77 9.66 14.88
C3 DBJ LA . -25.31 8.82 16.01
C4 DBJ LA . -24.47 8.30 16.98
O5 DBJ LA . -23.14 8.55 16.85
C5 DBJ LA . -22.42 8.65 18.08
C7 DBJ LA . -22.92 7.72 19.20
O8 DBJ LA . -24.15 7.00 18.99
C9 DBJ LA . -24.97 7.53 18.02
C10 DBJ LA . -26.33 7.24 18.10
C11 DBJ LA . -27.17 7.76 17.13
C12 DBJ LA . -26.68 8.54 16.10
#